data_1W9L
#
_entry.id   1W9L
#
_cell.length_a   88.038
_cell.length_b   145.983
_cell.length_c   152.373
_cell.angle_alpha   90.00
_cell.angle_beta   90.00
_cell.angle_gamma   90.00
#
_symmetry.space_group_name_H-M   'C 2 2 21'
#
loop_
_entity.id
_entity.type
_entity.pdbx_description
1 polymer 'MYOSIN II HEAVY CHAIN'
2 non-polymer 'MAGNESIUM ION'
3 non-polymer "ADENOSINE-5'-DIPHOSPHATE"
4 non-polymer 'TETRAFLUOROALUMINATE ION'
5 non-polymer 1,2-ETHANEDIOL
6 water water
#
_entity_poly.entity_id   1
_entity_poly.type   'polypeptide(L)'
_entity_poly.pdbx_seq_one_letter_code
;MNPIHDRTSDYHKYLKVKQGDSDLFKLTVSDKRYIWYNPDPKERDSYECGEIVSETSDSFTFKTVDGQDRQVKKDDANQR
NPIKFDGVEDMSELSYLNEPAVFHNLRVRYNQDLIYTYSGLFLVAVNPFKRIPIYTQEMVDIFKGRRRNEVAPHIFAISD
VAYRSMLDDRQNQSLLITGESGAGKTENTKKVIQYLASVAGRNQANGSGVLEQQILQANPILEAFGNAKTTRNNNSSRFG
KFIEIQFNSAGFISGASIQSYLLEKSRVVFQSETERNYHIFYQLLAGATAEEKKALHLAGPESFNYLNQSGCVDIKGVSD
SEEFKITRQAMDIVGFSQEEQMSIFKIIAGILHLGNIKFEKGAGEGAVLKDKTALNAASTVFGVNPSVLEKALMEPRILA
GRDLVAQHLNVEKSSSSRDALVKALYGRLFLWLVKKINNVLCQERKAYFIGVLDIEGFEIFKVNSFEQLCINYTNEKLQQ
FFNHHMFKLEQEEYLKEKINWTFIDFGLDSQATIDLIDGRQPPGILALLDEQSVFPNATDNTLITKLHSHFSKKNAKYEE
PRFSKTEFGVTHYAGQVMYEIQDWLEKNKDPLQQDLELCFKDSSDNVVTKLFNDPNIASRAKKGANFITVAAQYKEQLAS
LMATLETTNPHFVRCIIPNNKQLPAKLEDKVVLDQLRCNGVLEGIRITRKGFPNRIIYADFVKRYYLLAPNVPRDAEDSQ
KATDAVLKHLNIDPEQYRFGITKIFFRAGQLARIEEARELRGDYKDDDDK
;
_entity_poly.pdbx_strand_id   A
#
# COMPACT_ATOMS: atom_id res chain seq x y z
N MET A 1 -28.09 19.15 -21.75
CA MET A 1 -26.67 19.61 -21.75
C MET A 1 -25.74 18.46 -21.33
N ASN A 2 -24.71 18.20 -22.13
CA ASN A 2 -23.61 17.33 -21.72
C ASN A 2 -22.88 17.97 -20.52
N PRO A 3 -22.86 17.28 -19.37
CA PRO A 3 -22.20 17.83 -18.17
C PRO A 3 -20.75 18.27 -18.37
N ILE A 4 -20.02 17.64 -19.29
CA ILE A 4 -18.64 18.01 -19.59
C ILE A 4 -18.57 19.47 -20.07
N HIS A 5 -19.57 19.90 -20.84
CA HIS A 5 -19.57 21.23 -21.41
C HIS A 5 -20.50 22.21 -20.71
N ASP A 6 -21.17 21.73 -19.67
CA ASP A 6 -22.10 22.51 -18.90
C ASP A 6 -21.37 23.07 -17.69
N ARG A 7 -21.11 24.38 -17.68
CA ARG A 7 -20.37 25.01 -16.58
C ARG A 7 -21.17 25.04 -15.27
N THR A 8 -22.46 24.71 -15.33
CA THR A 8 -23.30 24.61 -14.13
C THR A 8 -23.31 23.20 -13.50
N SER A 9 -22.72 22.22 -14.19
CA SER A 9 -22.80 20.82 -13.75
C SER A 9 -21.90 20.57 -12.54
N ASP A 10 -22.20 19.51 -11.81
CA ASP A 10 -21.34 19.09 -10.71
C ASP A 10 -19.95 18.71 -11.22
N TYR A 11 -19.88 18.18 -12.44
CA TYR A 11 -18.61 17.84 -13.06
C TYR A 11 -17.74 19.10 -13.15
N HIS A 12 -18.31 20.17 -13.67
CA HIS A 12 -17.57 21.42 -13.78
C HIS A 12 -17.26 22.03 -12.44
N LYS A 13 -18.19 21.91 -11.51
CA LYS A 13 -18.04 22.51 -10.19
C LYS A 13 -16.92 21.82 -9.38
N TYR A 14 -16.83 20.49 -9.47
CA TYR A 14 -15.93 19.73 -8.59
C TYR A 14 -14.68 19.15 -9.24
N LEU A 15 -14.60 19.17 -10.56
CA LEU A 15 -13.49 18.53 -11.29
C LEU A 15 -12.74 19.44 -12.25
N LYS A 16 -13.22 20.67 -12.43
CA LYS A 16 -12.57 21.62 -13.33
C LYS A 16 -12.14 22.86 -12.57
N VAL A 17 -11.09 23.49 -13.08
CA VAL A 17 -10.55 24.69 -12.48
C VAL A 17 -11.59 25.80 -12.65
N LYS A 18 -11.83 26.55 -11.58
CA LYS A 18 -12.85 27.60 -11.62
C LYS A 18 -12.42 28.75 -12.55
N GLN A 19 -13.41 29.41 -13.12
CA GLN A 19 -13.19 30.53 -14.02
C GLN A 19 -12.42 31.65 -13.32
N GLY A 20 -11.32 32.07 -13.91
CA GLY A 20 -10.58 33.21 -13.40
C GLY A 20 -11.33 34.50 -13.72
N ASP A 21 -11.16 35.50 -12.89
CA ASP A 21 -11.85 36.79 -13.10
C ASP A 21 -10.99 37.75 -13.90
N SER A 22 -11.51 38.95 -14.15
CA SER A 22 -10.84 39.93 -15.01
C SER A 22 -9.49 40.39 -14.44
N ASP A 23 -9.36 40.44 -13.13
CA ASP A 23 -8.09 40.81 -12.51
C ASP A 23 -7.03 39.73 -12.73
N LEU A 24 -7.47 38.47 -12.69
CA LEU A 24 -6.56 37.37 -12.98
C LEU A 24 -6.16 37.39 -14.46
N PHE A 25 -7.11 37.75 -15.33
CA PHE A 25 -6.80 37.84 -16.75
C PHE A 25 -5.68 38.85 -16.99
N LYS A 26 -5.76 40.00 -16.31
CA LYS A 26 -4.71 41.02 -16.38
C LYS A 26 -3.37 40.46 -15.96
N LEU A 27 -3.38 39.70 -14.87
CA LEU A 27 -2.14 39.10 -14.36
C LEU A 27 -1.66 38.02 -15.33
N THR A 28 -2.60 37.39 -15.99
CA THR A 28 -2.32 36.27 -16.88
C THR A 28 -1.69 36.71 -18.20
N VAL A 29 -1.97 37.95 -18.63
CA VAL A 29 -1.38 38.49 -19.88
C VAL A 29 -0.16 39.38 -19.65
N SER A 30 0.24 39.50 -18.38
CA SER A 30 1.45 40.26 -18.00
C SER A 30 2.69 39.78 -18.77
N ASP A 31 3.55 40.73 -19.09
CA ASP A 31 4.85 40.46 -19.70
C ASP A 31 5.92 40.09 -18.69
N LYS A 32 5.62 40.27 -17.40
CA LYS A 32 6.56 40.02 -16.32
C LYS A 32 6.87 38.53 -16.15
N ARG A 33 8.08 38.25 -15.69
CA ARG A 33 8.53 36.88 -15.48
C ARG A 33 8.93 36.69 -14.04
N TYR A 34 8.73 35.47 -13.54
CA TYR A 34 8.94 35.15 -12.15
C TYR A 34 9.79 33.90 -11.97
N ILE A 35 10.28 33.76 -10.75
CA ILE A 35 11.14 32.68 -10.34
C ILE A 35 10.69 32.21 -8.95
N TRP A 36 10.81 30.92 -8.71
CA TRP A 36 10.66 30.34 -7.39
C TRP A 36 12.02 30.30 -6.73
N TYR A 37 12.12 30.85 -5.51
CA TYR A 37 13.38 30.87 -4.78
C TYR A 37 13.12 30.61 -3.29
N ASN A 38 14.18 30.26 -2.57
CA ASN A 38 14.11 30.03 -1.14
C ASN A 38 14.56 31.27 -0.38
N PRO A 39 13.66 31.92 0.37
CA PRO A 39 14.04 33.00 1.29
C PRO A 39 15.17 32.60 2.20
N ASP A 40 15.19 31.34 2.58
CA ASP A 40 16.17 30.77 3.50
C ASP A 40 16.77 29.56 2.77
N PRO A 41 18.03 29.65 2.35
CA PRO A 41 18.66 28.58 1.57
C PRO A 41 18.84 27.25 2.33
N LYS A 42 18.76 27.30 3.65
CA LYS A 42 18.79 26.09 4.46
C LYS A 42 17.45 25.34 4.34
N GLU A 43 16.35 26.09 4.17
CA GLU A 43 15.02 25.51 3.97
C GLU A 43 14.70 25.43 2.47
N ARG A 44 15.21 24.39 1.81
CA ARG A 44 15.17 24.29 0.35
C ARG A 44 13.78 24.04 -0.26
N ASP A 45 12.81 23.60 0.56
CA ASP A 45 11.45 23.33 0.08
C ASP A 45 10.44 24.44 0.36
N SER A 46 10.87 25.53 0.97
CA SER A 46 9.98 26.67 1.20
C SER A 46 10.35 27.74 0.17
N TYR A 47 9.40 28.04 -0.71
CA TYR A 47 9.64 28.89 -1.86
C TYR A 47 8.74 30.08 -1.83
N GLU A 48 9.26 31.20 -2.31
CA GLU A 48 8.45 32.36 -2.62
C GLU A 48 8.63 32.68 -4.10
N CYS A 49 7.72 33.51 -4.59
CA CYS A 49 7.76 33.96 -5.96
C CYS A 49 8.43 35.34 -6.01
N GLY A 50 9.53 35.44 -6.74
CA GLY A 50 10.21 36.69 -7.01
C GLY A 50 10.10 37.08 -8.47
N GLU A 51 9.99 38.38 -8.73
CA GLU A 51 9.96 38.88 -10.09
C GLU A 51 11.37 39.00 -10.64
N ILE A 52 11.59 38.47 -11.85
CA ILE A 52 12.83 38.69 -12.57
C ILE A 52 12.81 40.12 -13.11
N VAL A 53 13.74 40.93 -12.63
CA VAL A 53 13.84 42.34 -13.02
C VAL A 53 14.97 42.60 -14.02
N SER A 54 15.93 41.70 -14.08
CA SER A 54 17.00 41.81 -15.06
C SER A 54 17.68 40.47 -15.30
N GLU A 55 18.46 40.39 -16.37
CA GLU A 55 19.22 39.18 -16.65
C GLU A 55 20.52 39.50 -17.37
N THR A 56 21.50 38.61 -17.19
CA THR A 56 22.72 38.64 -17.98
C THR A 56 22.67 37.42 -18.86
N SER A 57 23.76 37.15 -19.57
CA SER A 57 23.87 35.95 -20.40
C SER A 57 23.68 34.65 -19.59
N ASP A 58 24.16 34.65 -18.35
CA ASP A 58 24.15 33.41 -17.55
C ASP A 58 23.39 33.49 -16.23
N SER A 59 22.72 34.61 -15.96
CA SER A 59 22.09 34.87 -14.66
C SER A 59 20.80 35.65 -14.74
N PHE A 60 20.01 35.52 -13.67
CA PHE A 60 18.78 36.27 -13.48
C PHE A 60 18.97 37.04 -12.18
N THR A 61 18.52 38.29 -12.16
CA THR A 61 18.36 39.02 -10.92
C THR A 61 16.88 39.19 -10.67
N PHE A 62 16.47 38.93 -9.43
CA PHE A 62 15.06 38.98 -9.06
C PHE A 62 14.83 39.69 -7.71
N LYS A 63 13.65 40.28 -7.58
CA LYS A 63 13.21 40.91 -6.35
C LYS A 63 12.58 39.87 -5.43
N THR A 64 13.02 39.85 -4.18
CA THR A 64 12.41 39.01 -3.16
C THR A 64 11.12 39.64 -2.65
N VAL A 65 10.40 38.91 -1.80
CA VAL A 65 9.16 39.39 -1.19
C VAL A 65 9.45 40.59 -0.29
N ASP A 66 10.50 40.49 0.53
CA ASP A 66 10.88 41.57 1.44
C ASP A 66 11.46 42.81 0.71
N GLY A 67 11.81 42.64 -0.57
CA GLY A 67 12.19 43.75 -1.43
C GLY A 67 13.69 43.91 -1.72
N GLN A 68 14.52 42.99 -1.23
CA GLN A 68 15.94 42.96 -1.64
C GLN A 68 16.08 42.44 -3.07
N ASP A 69 17.32 42.27 -3.53
CA ASP A 69 17.58 41.78 -4.89
C ASP A 69 18.60 40.65 -4.86
N ARG A 70 18.25 39.51 -5.43
CA ARG A 70 19.15 38.38 -5.52
C ARG A 70 19.47 38.03 -6.94
N GLN A 71 20.60 37.35 -7.10
CA GLN A 71 21.10 36.90 -8.37
C GLN A 71 21.19 35.37 -8.28
N VAL A 72 20.95 34.70 -9.40
CA VAL A 72 21.08 33.26 -9.48
C VAL A 72 21.42 32.86 -10.91
N LYS A 73 22.31 31.90 -11.06
CA LYS A 73 22.62 31.35 -12.37
C LYS A 73 21.35 30.81 -13.03
N LYS A 74 21.20 31.09 -14.33
CA LYS A 74 20.08 30.59 -15.11
C LYS A 74 19.94 29.08 -15.00
N ASP A 75 21.07 28.37 -14.99
CA ASP A 75 21.06 26.90 -14.93
C ASP A 75 20.63 26.36 -13.56
N ASP A 76 20.69 27.18 -12.52
CA ASP A 76 20.17 26.82 -11.19
C ASP A 76 18.76 27.36 -10.92
N ALA A 77 18.25 28.17 -11.83
CA ALA A 77 17.00 28.88 -11.59
C ALA A 77 15.79 27.97 -11.77
N ASN A 78 14.89 28.05 -10.80
CA ASN A 78 13.56 27.44 -10.91
C ASN A 78 12.55 28.47 -11.35
N GLN A 79 12.43 28.67 -12.66
CA GLN A 79 11.49 29.64 -13.19
C GLN A 79 10.04 29.23 -12.90
N ARG A 80 9.21 30.22 -12.63
CA ARG A 80 7.79 30.00 -12.44
C ARG A 80 7.13 29.96 -13.80
N ASN A 81 6.26 28.98 -14.01
CA ASN A 81 5.50 28.91 -15.23
C ASN A 81 4.60 30.10 -15.42
N PRO A 82 4.41 30.53 -16.67
CA PRO A 82 3.33 31.47 -16.97
C PRO A 82 2.07 31.01 -16.25
N ILE A 83 1.34 31.93 -15.64
CA ILE A 83 0.26 31.57 -14.74
C ILE A 83 -0.99 30.98 -15.44
N LYS A 84 -1.04 31.05 -16.76
CA LYS A 84 -2.01 30.32 -17.57
C LYS A 84 -1.92 28.81 -17.34
N PHE A 85 -0.76 28.34 -16.87
CA PHE A 85 -0.53 26.93 -16.56
C PHE A 85 -0.95 26.51 -15.17
N ASP A 86 -1.30 27.46 -14.31
CA ASP A 86 -1.65 27.15 -12.93
C ASP A 86 -3.00 26.44 -12.93
N GLY A 87 -3.00 25.22 -12.41
CA GLY A 87 -4.19 24.38 -12.42
C GLY A 87 -4.27 23.43 -13.60
N VAL A 88 -3.26 23.42 -14.47
CA VAL A 88 -3.28 22.57 -15.66
C VAL A 88 -3.43 21.09 -15.28
N GLU A 89 -4.17 20.37 -16.10
CA GLU A 89 -4.61 19.01 -15.76
C GLU A 89 -3.54 17.96 -15.96
N ASP A 90 -2.60 18.23 -16.86
CA ASP A 90 -1.49 17.35 -17.15
C ASP A 90 -0.22 18.17 -17.09
N MET A 91 0.66 17.81 -16.17
CA MET A 91 1.83 18.64 -15.89
C MET A 91 2.93 18.45 -16.90
N SER A 92 2.75 17.49 -17.81
CA SER A 92 3.66 17.38 -18.96
C SER A 92 3.58 18.59 -19.88
N GLU A 93 2.50 19.36 -19.76
CA GLU A 93 2.31 20.59 -20.52
C GLU A 93 3.11 21.79 -19.97
N LEU A 94 3.62 21.71 -18.74
CA LEU A 94 4.32 22.84 -18.14
C LEU A 94 5.55 23.23 -18.96
N SER A 95 5.78 24.52 -19.18
CA SER A 95 7.01 24.95 -19.86
C SER A 95 8.23 24.66 -19.00
N TYR A 96 8.14 24.94 -17.70
CA TYR A 96 9.25 24.75 -16.77
C TYR A 96 8.90 23.61 -15.82
N LEU A 97 9.72 22.57 -15.88
CA LEU A 97 9.51 21.41 -15.05
C LEU A 97 10.54 21.41 -13.94
N ASN A 98 10.14 21.93 -12.78
CA ASN A 98 11.02 21.96 -11.64
C ASN A 98 10.20 21.72 -10.40
N GLU A 99 10.87 21.46 -9.28
CA GLU A 99 10.18 21.06 -8.07
C GLU A 99 9.13 22.05 -7.60
N PRO A 100 9.49 23.32 -7.38
CA PRO A 100 8.49 24.30 -6.94
C PRO A 100 7.37 24.51 -7.95
N ALA A 101 7.66 24.38 -9.23
CA ALA A 101 6.65 24.55 -10.28
C ALA A 101 5.64 23.41 -10.25
N VAL A 102 6.11 22.17 -10.06
CA VAL A 102 5.21 21.03 -10.02
C VAL A 102 4.37 21.09 -8.76
N PHE A 103 5.04 21.34 -7.65
CA PHE A 103 4.36 21.52 -6.40
C PHE A 103 3.33 22.64 -6.47
N HIS A 104 3.67 23.76 -7.12
CA HIS A 104 2.75 24.87 -7.22
C HIS A 104 1.48 24.48 -7.98
N ASN A 105 1.62 23.73 -9.07
CA ASN A 105 0.48 23.32 -9.84
C ASN A 105 -0.42 22.41 -9.01
N LEU A 106 0.18 21.45 -8.32
CA LEU A 106 -0.56 20.59 -7.42
C LEU A 106 -1.27 21.42 -6.35
N ARG A 107 -0.60 22.45 -5.85
CA ARG A 107 -1.17 23.30 -4.81
C ARG A 107 -2.37 24.10 -5.30
N VAL A 108 -2.27 24.65 -6.51
CA VAL A 108 -3.37 25.44 -7.06
C VAL A 108 -4.58 24.54 -7.22
N ARG A 109 -4.37 23.32 -7.68
CA ARG A 109 -5.47 22.37 -7.87
C ARG A 109 -6.02 21.97 -6.50
N TYR A 110 -5.12 21.65 -5.58
CA TYR A 110 -5.49 21.21 -4.25
C TYR A 110 -6.31 22.26 -3.52
N ASN A 111 -5.91 23.52 -3.66
CA ASN A 111 -6.59 24.65 -3.00
C ASN A 111 -8.04 24.81 -3.45
N GLN A 112 -8.39 24.26 -4.61
CA GLN A 112 -9.81 24.19 -4.99
C GLN A 112 -10.31 22.76 -5.10
N ASP A 113 -9.76 21.88 -4.28
CA ASP A 113 -10.25 20.51 -4.10
C ASP A 113 -10.18 19.65 -5.34
N LEU A 114 -9.23 19.97 -6.21
CA LEU A 114 -8.90 19.17 -7.36
C LEU A 114 -7.69 18.34 -6.92
N ILE A 115 -7.96 17.14 -6.49
CA ILE A 115 -6.93 16.26 -5.94
C ILE A 115 -6.21 15.41 -6.97
N TYR A 116 -6.78 15.31 -8.18
CA TYR A 116 -6.22 14.47 -9.23
C TYR A 116 -5.57 15.35 -10.29
N THR A 117 -4.35 15.01 -10.66
CA THR A 117 -3.61 15.71 -11.68
C THR A 117 -2.81 14.68 -12.43
N TYR A 118 -2.81 14.74 -13.77
CA TYR A 118 -1.93 13.87 -14.52
C TYR A 118 -0.52 14.40 -14.47
N SER A 119 0.43 13.49 -14.40
CA SER A 119 1.85 13.78 -14.49
C SER A 119 2.38 12.94 -15.62
N GLY A 120 2.12 13.36 -16.85
CA GLY A 120 2.41 12.54 -17.99
C GLY A 120 1.48 11.35 -18.01
N LEU A 121 2.04 10.15 -18.10
CA LEU A 121 1.27 8.91 -18.25
C LEU A 121 0.62 8.40 -16.96
N PHE A 122 1.01 8.94 -15.82
CA PHE A 122 0.46 8.46 -14.55
C PHE A 122 -0.31 9.56 -13.84
N LEU A 123 -1.12 9.14 -12.89
CA LEU A 123 -1.99 10.02 -12.14
C LEU A 123 -1.40 10.30 -10.77
N VAL A 124 -1.50 11.56 -10.34
CA VAL A 124 -1.13 11.95 -8.99
C VAL A 124 -2.41 12.26 -8.26
N ALA A 125 -2.53 11.78 -7.03
CA ALA A 125 -3.73 11.97 -6.21
C ALA A 125 -3.28 12.46 -4.85
N VAL A 126 -3.59 13.70 -4.51
CA VAL A 126 -3.22 14.26 -3.23
C VAL A 126 -4.39 14.08 -2.27
N ASN A 127 -4.14 13.41 -1.16
CA ASN A 127 -5.16 13.15 -0.16
C ASN A 127 -5.79 14.46 0.30
N PRO A 128 -7.11 14.63 0.11
CA PRO A 128 -7.84 15.81 0.61
C PRO A 128 -8.12 15.79 2.12
N PHE A 129 -8.15 14.60 2.73
CA PHE A 129 -8.56 14.40 4.11
C PHE A 129 -9.91 15.05 4.39
N LYS A 130 -10.77 15.02 3.37
CA LYS A 130 -12.17 15.39 3.50
C LYS A 130 -12.95 14.81 2.33
N ARG A 131 -14.26 14.80 2.44
CA ARG A 131 -15.11 14.19 1.42
C ARG A 131 -15.34 15.20 0.32
N ILE A 132 -15.13 14.77 -0.92
CA ILE A 132 -15.40 15.58 -2.09
C ILE A 132 -16.36 14.76 -2.97
N PRO A 133 -17.49 15.32 -3.39
CA PRO A 133 -18.54 14.51 -4.03
C PRO A 133 -18.26 14.20 -5.51
N ILE A 134 -17.15 13.51 -5.81
CA ILE A 134 -16.72 13.23 -7.19
C ILE A 134 -16.77 11.74 -7.55
N TYR A 135 -17.41 10.97 -6.70
CA TYR A 135 -17.46 9.52 -6.83
C TYR A 135 -18.89 8.97 -6.88
N THR A 136 -19.85 9.80 -7.31
CA THR A 136 -21.24 9.36 -7.42
C THR A 136 -21.41 8.55 -8.69
N GLN A 137 -22.56 7.86 -8.82
CA GLN A 137 -22.88 7.18 -10.08
C GLN A 137 -22.87 8.14 -11.27
N GLU A 138 -23.30 9.38 -11.03
CA GLU A 138 -23.38 10.38 -12.07
C GLU A 138 -21.97 10.67 -12.60
N MET A 139 -21.00 10.76 -11.67
CA MET A 139 -19.60 10.93 -12.04
C MET A 139 -19.08 9.72 -12.82
N VAL A 140 -19.36 8.53 -12.31
CA VAL A 140 -19.01 7.30 -13.00
C VAL A 140 -19.52 7.34 -14.44
N ASP A 141 -20.78 7.70 -14.61
CA ASP A 141 -21.42 7.68 -15.93
C ASP A 141 -20.73 8.64 -16.89
N ILE A 142 -20.27 9.78 -16.38
CA ILE A 142 -19.58 10.78 -17.19
C ILE A 142 -18.28 10.24 -17.75
N PHE A 143 -17.53 9.52 -16.94
CA PHE A 143 -16.24 8.99 -17.38
C PHE A 143 -16.35 7.78 -18.30
N LYS A 144 -17.49 7.10 -18.28
CA LYS A 144 -17.67 5.86 -19.02
C LYS A 144 -17.33 6.04 -20.50
N GLY A 145 -16.29 5.33 -20.93
CA GLY A 145 -15.91 5.30 -22.33
C GLY A 145 -15.08 6.48 -22.80
N ARG A 146 -14.80 7.43 -21.92
CA ARG A 146 -14.15 8.67 -22.33
C ARG A 146 -12.64 8.52 -22.34
N ARG A 147 -12.03 9.00 -23.41
CA ARG A 147 -10.60 9.04 -23.51
C ARG A 147 -10.06 10.01 -22.46
N ARG A 148 -8.85 9.73 -22.00
CA ARG A 148 -8.26 10.48 -20.91
C ARG A 148 -8.23 11.99 -21.17
N ASN A 149 -7.96 12.38 -22.41
CA ASN A 149 -7.89 13.80 -22.78
C ASN A 149 -9.24 14.50 -22.97
N GLU A 150 -10.32 13.73 -23.05
CA GLU A 150 -11.69 14.26 -23.11
C GLU A 150 -12.25 14.70 -21.76
N VAL A 151 -11.70 14.19 -20.66
CA VAL A 151 -12.26 14.45 -19.33
C VAL A 151 -11.19 14.82 -18.33
N ALA A 152 -11.63 15.37 -17.20
CA ALA A 152 -10.73 15.83 -16.14
C ALA A 152 -9.97 14.66 -15.56
N PRO A 153 -8.82 14.93 -14.94
CA PRO A 153 -8.14 13.89 -14.17
C PRO A 153 -9.04 13.31 -13.09
N HIS A 154 -8.99 12.00 -12.95
CA HIS A 154 -9.85 11.29 -12.00
C HIS A 154 -9.36 9.86 -11.94
N ILE A 155 -9.48 9.25 -10.77
CA ILE A 155 -9.18 7.82 -10.65
C ILE A 155 -10.07 6.98 -11.59
N PHE A 156 -11.29 7.45 -11.83
CA PHE A 156 -12.20 6.83 -12.78
C PHE A 156 -11.65 6.83 -14.18
N ALA A 157 -10.98 7.91 -14.58
CA ALA A 157 -10.44 8.01 -15.94
C ALA A 157 -9.33 6.99 -16.19
N ILE A 158 -8.42 6.85 -15.22
CA ILE A 158 -7.35 5.88 -15.42
C ILE A 158 -7.92 4.46 -15.38
N SER A 159 -8.97 4.26 -14.59
CA SER A 159 -9.63 2.95 -14.53
C SER A 159 -10.25 2.61 -15.86
N ASP A 160 -10.86 3.59 -16.49
CA ASP A 160 -11.48 3.39 -17.79
C ASP A 160 -10.46 3.14 -18.87
N VAL A 161 -9.35 3.87 -18.81
CA VAL A 161 -8.25 3.67 -19.74
C VAL A 161 -7.73 2.24 -19.65
N ALA A 162 -7.56 1.74 -18.43
CA ALA A 162 -7.14 0.34 -18.23
C ALA A 162 -8.18 -0.63 -18.78
N TYR A 163 -9.45 -0.34 -18.56
CA TYR A 163 -10.52 -1.20 -19.01
C TYR A 163 -10.53 -1.26 -20.53
N ARG A 164 -10.32 -0.10 -21.17
CA ARG A 164 -10.36 0.01 -22.64
C ARG A 164 -9.17 -0.65 -23.24
N SER A 165 -8.01 -0.55 -22.58
CA SER A 165 -6.80 -1.21 -23.07
C SER A 165 -6.91 -2.73 -22.93
N MET A 166 -7.54 -3.19 -21.87
CA MET A 166 -7.80 -4.61 -21.69
C MET A 166 -8.57 -5.16 -22.91
N LEU A 167 -9.63 -4.48 -23.32
CA LEU A 167 -10.48 -4.94 -24.43
C LEU A 167 -9.79 -4.77 -25.80
N ASP A 168 -9.21 -3.59 -26.01
CA ASP A 168 -8.55 -3.27 -27.28
C ASP A 168 -7.29 -4.08 -27.54
N ASP A 169 -6.53 -4.40 -26.49
CA ASP A 169 -5.27 -5.11 -26.64
C ASP A 169 -5.37 -6.59 -26.27
N ARG A 170 -6.49 -6.98 -25.66
CA ARG A 170 -6.66 -8.34 -25.14
C ARG A 170 -5.48 -8.72 -24.24
N GLN A 171 -5.18 -7.82 -23.30
CA GLN A 171 -4.05 -7.98 -22.38
C GLN A 171 -4.48 -7.60 -20.99
N ASN A 172 -4.01 -8.37 -20.03
CA ASN A 172 -4.30 -8.08 -18.63
C ASN A 172 -3.64 -6.77 -18.23
N GLN A 173 -4.31 -6.04 -17.33
CA GLN A 173 -3.84 -4.73 -16.88
C GLN A 173 -3.65 -4.76 -15.37
N SER A 174 -2.85 -3.83 -14.86
CA SER A 174 -2.78 -3.61 -13.43
C SER A 174 -2.80 -2.11 -13.11
N LEU A 175 -3.39 -1.80 -11.97
CA LEU A 175 -3.41 -0.44 -11.44
C LEU A 175 -2.64 -0.48 -10.15
N LEU A 176 -1.49 0.19 -10.15
CA LEU A 176 -0.53 0.13 -9.06
C LEU A 176 -0.62 1.48 -8.34
N ILE A 177 -1.15 1.45 -7.12
CA ILE A 177 -1.42 2.66 -6.39
C ILE A 177 -0.40 2.76 -5.26
N THR A 178 0.59 3.63 -5.45
CA THR A 178 1.68 3.83 -4.51
C THR A 178 1.40 4.94 -3.55
N GLY A 179 2.17 4.97 -2.48
CA GLY A 179 2.04 6.02 -1.51
C GLY A 179 2.46 5.58 -0.13
N GLU A 180 3.04 6.53 0.59
CA GLU A 180 3.39 6.30 1.98
C GLU A 180 2.13 6.13 2.81
N SER A 181 2.31 5.74 4.06
CA SER A 181 1.15 5.41 4.89
C SER A 181 0.16 6.57 4.99
N GLY A 182 -1.12 6.26 4.78
CA GLY A 182 -2.19 7.23 4.85
C GLY A 182 -2.34 8.14 3.63
N ALA A 183 -1.61 7.85 2.54
CA ALA A 183 -1.62 8.73 1.38
C ALA A 183 -2.93 8.65 0.57
N GLY A 184 -3.67 7.54 0.70
CA GLY A 184 -4.94 7.35 -0.01
C GLY A 184 -5.06 6.15 -0.94
N LYS A 185 -4.18 5.16 -0.78
CA LYS A 185 -4.14 3.99 -1.65
C LYS A 185 -5.41 3.16 -1.57
N THR A 186 -5.84 2.90 -0.36
CA THR A 186 -7.05 2.12 -0.14
C THR A 186 -8.29 2.84 -0.65
N GLU A 187 -8.38 4.14 -0.42
CA GLU A 187 -9.55 4.89 -0.87
C GLU A 187 -9.66 4.86 -2.37
N ASN A 188 -8.53 5.10 -3.04
CA ASN A 188 -8.49 5.03 -4.48
C ASN A 188 -8.72 3.66 -5.07
N THR A 189 -8.18 2.64 -4.42
CA THR A 189 -8.42 1.25 -4.79
C THR A 189 -9.92 0.95 -4.83
N LYS A 190 -10.62 1.36 -3.78
CA LYS A 190 -12.05 1.16 -3.67
C LYS A 190 -12.76 1.89 -4.81
N LYS A 191 -12.23 3.03 -5.25
CA LYS A 191 -12.86 3.79 -6.33
C LYS A 191 -12.66 3.10 -7.67
N VAL A 192 -11.49 2.51 -7.88
CA VAL A 192 -11.21 1.77 -9.09
C VAL A 192 -12.20 0.60 -9.20
N ILE A 193 -12.41 -0.08 -8.09
CA ILE A 193 -13.28 -1.25 -8.04
C ILE A 193 -14.74 -0.86 -8.25
N GLN A 194 -15.18 0.20 -7.58
CA GLN A 194 -16.49 0.80 -7.81
C GLN A 194 -16.72 1.06 -9.29
N TYR A 195 -15.76 1.70 -9.91
CA TYR A 195 -15.89 2.10 -11.29
C TYR A 195 -15.99 0.90 -12.21
N LEU A 196 -15.09 -0.07 -12.04
CA LEU A 196 -15.05 -1.24 -12.90
C LEU A 196 -16.33 -2.05 -12.73
N ALA A 197 -16.76 -2.19 -11.48
CA ALA A 197 -17.98 -2.93 -11.18
C ALA A 197 -19.21 -2.28 -11.84
N SER A 198 -19.21 -0.96 -11.92
CA SER A 198 -20.34 -0.26 -12.52
C SER A 198 -20.29 -0.35 -14.05
N VAL A 199 -19.18 0.06 -14.66
CA VAL A 199 -19.13 0.11 -16.11
C VAL A 199 -19.13 -1.28 -16.77
N ALA A 200 -18.62 -2.31 -16.09
CA ALA A 200 -18.55 -3.65 -16.67
C ALA A 200 -19.54 -4.62 -16.01
N GLY A 201 -20.42 -4.10 -15.16
CA GLY A 201 -21.37 -4.92 -14.44
C GLY A 201 -22.60 -5.30 -15.25
N ARG A 202 -23.22 -6.42 -14.88
CA ARG A 202 -24.47 -6.89 -15.49
C ARG A 202 -25.56 -6.85 -14.45
N VAL A 210 -25.59 -8.99 -8.37
CA VAL A 210 -25.25 -9.42 -7.00
C VAL A 210 -23.74 -9.71 -6.86
N LEU A 211 -23.17 -10.38 -7.85
CA LEU A 211 -21.72 -10.64 -7.87
C LEU A 211 -20.92 -9.34 -7.71
N GLU A 212 -21.37 -8.28 -8.39
CA GLU A 212 -20.67 -7.01 -8.39
C GLU A 212 -20.79 -6.37 -7.02
N GLN A 213 -21.95 -6.55 -6.39
CA GLN A 213 -22.13 -6.04 -5.03
C GLN A 213 -21.30 -6.82 -4.02
N GLN A 214 -21.11 -8.12 -4.24
CA GLN A 214 -20.32 -8.93 -3.33
C GLN A 214 -18.84 -8.51 -3.40
N ILE A 215 -18.42 -8.08 -4.57
CA ILE A 215 -17.06 -7.61 -4.79
C ILE A 215 -16.82 -6.38 -3.89
N LEU A 216 -17.73 -5.40 -3.96
CA LEU A 216 -17.64 -4.19 -3.14
C LEU A 216 -17.74 -4.48 -1.63
N GLN A 217 -18.60 -5.42 -1.28
CA GLN A 217 -18.85 -5.76 0.14
C GLN A 217 -17.76 -6.62 0.77
N ALA A 218 -16.81 -7.09 -0.02
CA ALA A 218 -15.63 -7.75 0.50
C ALA A 218 -14.83 -6.75 1.34
N ASN A 219 -14.87 -5.48 0.95
CA ASN A 219 -14.04 -4.46 1.57
C ASN A 219 -14.31 -4.14 3.03
N PRO A 220 -15.56 -3.86 3.41
CA PRO A 220 -15.87 -3.64 4.82
C PRO A 220 -15.48 -4.84 5.71
N ILE A 221 -15.53 -6.05 5.16
CA ILE A 221 -15.13 -7.22 5.94
C ILE A 221 -13.64 -7.20 6.15
N LEU A 222 -12.88 -7.09 5.08
CA LEU A 222 -11.44 -7.14 5.19
C LEU A 222 -10.90 -5.97 6.00
N GLU A 223 -11.48 -4.78 5.84
CA GLU A 223 -11.05 -3.62 6.62
C GLU A 223 -11.38 -3.73 8.12
N ALA A 224 -12.49 -4.38 8.45
CA ALA A 224 -12.84 -4.57 9.86
C ALA A 224 -11.79 -5.43 10.56
N PHE A 225 -11.29 -6.45 9.85
CA PHE A 225 -10.38 -7.40 10.47
C PHE A 225 -8.93 -7.07 10.18
N GLY A 226 -8.72 -6.26 9.16
CA GLY A 226 -7.40 -6.06 8.62
C GLY A 226 -6.87 -4.66 8.81
N ASN A 227 -7.72 -3.72 9.23
CA ASN A 227 -7.31 -2.33 9.39
C ASN A 227 -7.38 -1.93 10.86
N ALA A 228 -6.59 -0.91 11.20
CA ALA A 228 -6.44 -0.41 12.55
C ALA A 228 -5.94 1.01 12.53
N LYS A 229 -6.23 1.76 13.59
CA LYS A 229 -5.63 3.07 13.74
C LYS A 229 -4.16 2.94 14.07
N THR A 230 -3.31 3.52 13.21
CA THR A 230 -1.94 3.79 13.58
C THR A 230 -1.79 5.30 13.72
N THR A 231 -0.61 5.74 14.15
CA THR A 231 -0.35 7.18 14.27
C THR A 231 -0.33 7.88 12.90
N ARG A 232 -0.27 7.11 11.81
CA ARG A 232 -0.21 7.68 10.46
C ARG A 232 -1.54 7.62 9.71
N ASN A 233 -2.44 6.78 10.16
CA ASN A 233 -3.68 6.56 9.45
C ASN A 233 -4.71 5.92 10.37
N ASN A 234 -5.80 6.63 10.60
CA ASN A 234 -6.90 6.14 11.41
C ASN A 234 -7.50 4.86 10.86
N ASN A 235 -7.35 4.62 9.57
CA ASN A 235 -7.82 3.41 8.92
C ASN A 235 -6.69 2.71 8.17
N SER A 236 -5.57 2.49 8.84
CA SER A 236 -4.43 1.83 8.21
C SER A 236 -4.69 0.37 7.88
N SER A 237 -4.43 0.03 6.62
CA SER A 237 -4.35 -1.34 6.18
C SER A 237 -3.15 -1.99 6.81
N ARG A 238 -3.37 -3.10 7.51
CA ARG A 238 -2.25 -3.82 8.13
C ARG A 238 -1.91 -5.10 7.36
N PHE A 239 -2.45 -5.19 6.15
CA PHE A 239 -2.14 -6.25 5.19
C PHE A 239 -2.12 -5.61 3.79
N GLY A 240 -1.27 -6.11 2.92
CA GLY A 240 -1.31 -5.72 1.53
C GLY A 240 -2.34 -6.57 0.83
N LYS A 241 -2.83 -6.07 -0.28
CA LYS A 241 -3.73 -6.83 -1.11
C LYS A 241 -3.62 -6.49 -2.58
N PHE A 242 -3.78 -7.52 -3.39
CA PHE A 242 -3.86 -7.41 -4.83
C PHE A 242 -5.22 -7.96 -5.16
N ILE A 243 -6.06 -7.15 -5.77
CA ILE A 243 -7.38 -7.58 -6.19
C ILE A 243 -7.40 -7.78 -7.70
N GLU A 244 -7.66 -9.00 -8.12
CA GLU A 244 -7.92 -9.32 -9.51
C GLU A 244 -9.39 -9.10 -9.82
N ILE A 245 -9.73 -8.07 -10.58
CA ILE A 245 -11.09 -7.95 -11.11
C ILE A 245 -11.03 -8.67 -12.43
N GLN A 246 -11.90 -9.66 -12.55
CA GLN A 246 -11.89 -10.61 -13.64
C GLN A 246 -13.04 -10.30 -14.61
N PHE A 247 -12.75 -10.51 -15.90
CA PHE A 247 -13.67 -10.19 -17.00
C PHE A 247 -13.74 -11.37 -17.97
N ASN A 248 -14.91 -11.56 -18.57
CA ASN A 248 -15.09 -12.53 -19.65
C ASN A 248 -14.62 -11.88 -20.93
N SER A 249 -14.65 -12.63 -22.03
CA SER A 249 -14.09 -12.15 -23.29
C SER A 249 -14.85 -10.96 -23.83
N ALA A 250 -16.12 -10.83 -23.48
CA ALA A 250 -16.93 -9.68 -23.91
C ALA A 250 -16.68 -8.42 -23.06
N GLY A 251 -15.97 -8.55 -21.94
CA GLY A 251 -15.61 -7.39 -21.14
C GLY A 251 -16.51 -7.13 -19.96
N PHE A 252 -17.34 -8.11 -19.62
CA PHE A 252 -18.21 -8.02 -18.44
C PHE A 252 -17.51 -8.67 -17.26
N ILE A 253 -17.79 -8.18 -16.06
CA ILE A 253 -17.21 -8.72 -14.83
C ILE A 253 -17.68 -10.14 -14.67
N SER A 254 -16.75 -11.06 -14.50
CA SER A 254 -17.05 -12.47 -14.32
C SER A 254 -16.71 -12.94 -12.91
N GLY A 255 -15.98 -12.11 -12.15
CA GLY A 255 -15.60 -12.45 -10.80
C GLY A 255 -14.49 -11.56 -10.26
N ALA A 256 -13.96 -11.96 -9.11
CA ALA A 256 -12.77 -11.33 -8.55
C ALA A 256 -12.07 -12.29 -7.60
N SER A 257 -10.82 -11.99 -7.29
CA SER A 257 -9.98 -12.82 -6.46
C SER A 257 -9.11 -11.85 -5.67
N ILE A 258 -9.05 -12.05 -4.35
CA ILE A 258 -8.24 -11.21 -3.47
C ILE A 258 -7.05 -12.04 -2.98
N GLN A 259 -5.85 -11.53 -3.25
CA GLN A 259 -4.64 -12.05 -2.64
C GLN A 259 -4.29 -11.12 -1.48
N SER A 260 -4.26 -11.64 -0.27
CA SER A 260 -3.83 -10.85 0.88
C SER A 260 -2.40 -11.21 1.22
N TYR A 261 -1.64 -10.23 1.70
CA TYR A 261 -0.27 -10.46 2.02
C TYR A 261 -0.19 -10.40 3.53
N LEU A 262 1.01 -10.49 4.06
CA LEU A 262 1.15 -10.79 5.47
C LEU A 262 0.45 -9.78 6.38
N LEU A 263 -0.55 -10.27 7.09
CA LEU A 263 -1.24 -9.49 8.11
C LEU A 263 -0.33 -9.20 9.32
N GLU A 264 -0.51 -8.03 9.93
CA GLU A 264 0.29 -7.65 11.09
C GLU A 264 -0.30 -8.27 12.37
N LYS A 265 0.01 -9.55 12.58
CA LYS A 265 -0.54 -10.32 13.70
C LYS A 265 -0.14 -9.76 15.06
N SER A 266 1.04 -9.14 15.14
CA SER A 266 1.53 -8.58 16.39
C SER A 266 0.62 -7.49 16.97
N ARG A 267 -0.12 -6.79 16.10
CA ARG A 267 -1.04 -5.76 16.57
C ARG A 267 -2.16 -6.30 17.46
N VAL A 268 -2.53 -7.56 17.27
CA VAL A 268 -3.58 -8.15 18.09
C VAL A 268 -3.23 -8.10 19.61
N VAL A 269 -1.94 -8.24 19.92
CA VAL A 269 -1.50 -8.38 21.31
C VAL A 269 -0.70 -7.17 21.81
N PHE A 270 -0.38 -6.24 20.92
CA PHE A 270 0.36 -5.05 21.32
C PHE A 270 0.04 -3.89 20.39
N GLN A 271 -0.23 -2.74 20.99
CA GLN A 271 -0.40 -1.50 20.25
C GLN A 271 0.37 -0.40 20.94
N SER A 272 1.09 0.38 20.14
CA SER A 272 1.78 1.58 20.61
C SER A 272 0.79 2.62 21.10
N GLU A 273 1.30 3.56 21.89
CA GLU A 273 0.49 4.65 22.43
C GLU A 273 -0.27 5.40 21.32
N THR A 274 -1.55 5.63 21.60
CA THR A 274 -2.55 6.27 20.74
C THR A 274 -3.05 5.40 19.60
N GLU A 275 -2.46 4.23 19.37
CA GLU A 275 -2.93 3.38 18.26
C GLU A 275 -4.07 2.53 18.78
N ARG A 276 -4.72 1.82 17.85
CA ARG A 276 -5.73 0.83 18.20
C ARG A 276 -5.36 -0.55 17.66
N ASN A 277 -5.94 -1.56 18.27
CA ASN A 277 -6.06 -2.88 17.68
C ASN A 277 -6.90 -2.81 16.39
N TYR A 278 -7.12 -3.95 15.78
CA TYR A 278 -7.96 -4.02 14.60
C TYR A 278 -9.36 -3.51 14.92
N HIS A 279 -9.98 -2.87 13.94
CA HIS A 279 -11.29 -2.24 14.14
C HIS A 279 -12.31 -3.23 14.70
N ILE A 280 -12.28 -4.46 14.20
CA ILE A 280 -13.31 -5.44 14.56
C ILE A 280 -13.47 -5.59 16.07
N PHE A 281 -12.40 -5.47 16.84
CA PHE A 281 -12.52 -5.65 18.28
C PHE A 281 -13.43 -4.59 18.88
N TYR A 282 -13.24 -3.35 18.43
CA TYR A 282 -14.02 -2.23 18.94
C TYR A 282 -15.42 -2.27 18.38
N GLN A 283 -15.57 -2.77 17.14
CA GLN A 283 -16.90 -2.90 16.53
C GLN A 283 -17.75 -3.90 17.27
N LEU A 284 -17.18 -5.06 17.59
CA LEU A 284 -17.90 -6.10 18.33
C LEU A 284 -18.34 -5.59 19.71
N LEU A 285 -17.44 -4.95 20.45
CA LEU A 285 -17.74 -4.52 21.82
C LEU A 285 -18.79 -3.41 21.89
N ALA A 286 -18.75 -2.50 20.92
CA ALA A 286 -19.67 -1.36 20.84
C ALA A 286 -20.99 -1.73 20.19
N GLY A 287 -20.96 -2.70 19.29
CA GLY A 287 -22.07 -2.97 18.39
C GLY A 287 -22.87 -4.22 18.69
N ALA A 288 -22.38 -5.09 19.57
CA ALA A 288 -23.09 -6.33 19.86
C ALA A 288 -24.32 -6.07 20.73
N THR A 289 -25.35 -6.90 20.58
CA THR A 289 -26.53 -6.85 21.46
C THR A 289 -26.14 -7.28 22.87
N ALA A 290 -26.87 -6.78 23.87
CA ALA A 290 -26.61 -7.17 25.26
C ALA A 290 -26.71 -8.68 25.46
N GLU A 291 -27.55 -9.34 24.65
CA GLU A 291 -27.58 -10.79 24.58
C GLU A 291 -26.22 -11.37 24.21
N GLU A 292 -25.70 -10.95 23.06
CA GLU A 292 -24.47 -11.50 22.52
C GLU A 292 -23.31 -11.18 23.44
N LYS A 293 -23.32 -10.01 24.07
CA LYS A 293 -22.28 -9.67 25.04
C LYS A 293 -22.28 -10.62 26.25
N LYS A 294 -23.44 -11.17 26.59
CA LYS A 294 -23.56 -12.14 27.70
C LYS A 294 -23.07 -13.53 27.29
N ALA A 295 -23.52 -13.99 26.13
CA ALA A 295 -23.08 -15.27 25.58
C ALA A 295 -21.54 -15.29 25.35
N LEU A 296 -20.97 -14.14 25.02
CA LEU A 296 -19.54 -13.99 24.75
C LEU A 296 -18.73 -13.46 25.95
N HIS A 297 -19.43 -13.14 27.04
CA HIS A 297 -18.82 -12.66 28.29
C HIS A 297 -18.00 -11.38 28.07
N LEU A 298 -18.53 -10.49 27.26
CA LEU A 298 -17.82 -9.28 26.92
C LEU A 298 -18.20 -8.09 27.80
N ALA A 299 -17.27 -7.17 27.94
CA ALA A 299 -17.50 -5.89 28.59
C ALA A 299 -16.98 -4.81 27.64
N GLY A 300 -16.63 -3.64 28.16
CA GLY A 300 -16.04 -2.59 27.36
C GLY A 300 -14.55 -2.82 27.07
N PRO A 301 -14.01 -2.03 26.14
CA PRO A 301 -12.60 -2.18 25.74
C PRO A 301 -11.62 -2.08 26.88
N GLU A 302 -11.91 -1.21 27.84
CA GLU A 302 -11.02 -0.97 28.95
C GLU A 302 -10.80 -2.22 29.82
N SER A 303 -11.71 -3.19 29.74
CA SER A 303 -11.57 -4.44 30.50
C SER A 303 -10.71 -5.50 29.79
N PHE A 304 -10.01 -5.14 28.73
CA PHE A 304 -9.23 -6.13 27.98
C PHE A 304 -7.82 -5.64 27.76
N ASN A 305 -6.84 -6.41 28.25
CA ASN A 305 -5.44 -6.09 28.08
C ASN A 305 -5.07 -5.76 26.63
N TYR A 306 -5.69 -6.45 25.68
CA TYR A 306 -5.39 -6.25 24.26
C TYR A 306 -5.99 -4.96 23.67
N LEU A 307 -6.87 -4.30 24.43
CA LEU A 307 -7.50 -3.04 24.03
C LEU A 307 -7.28 -1.85 24.97
N ASN A 308 -6.64 -2.07 26.12
CA ASN A 308 -6.54 -1.02 27.13
C ASN A 308 -5.13 -0.52 27.37
N GLN A 309 -4.20 -0.82 26.48
CA GLN A 309 -2.81 -0.44 26.71
C GLN A 309 -2.41 0.83 25.99
N SER A 310 -3.09 1.14 24.89
CA SER A 310 -2.68 2.25 24.03
C SER A 310 -3.18 3.61 24.53
N GLY A 311 -4.23 3.61 25.33
CA GLY A 311 -4.89 4.84 25.76
C GLY A 311 -5.91 5.36 24.77
N CYS A 312 -6.09 4.64 23.66
CA CYS A 312 -7.05 5.03 22.66
C CYS A 312 -7.99 3.86 22.34
N VAL A 313 -9.29 4.09 22.51
CA VAL A 313 -10.32 3.11 22.16
C VAL A 313 -11.29 3.61 21.10
N ASP A 314 -11.19 4.88 20.72
CA ASP A 314 -12.06 5.42 19.67
C ASP A 314 -11.31 6.30 18.69
N ILE A 315 -11.93 6.48 17.53
CA ILE A 315 -11.38 7.25 16.43
C ILE A 315 -12.37 8.37 16.17
N LYS A 316 -11.87 9.60 16.14
CA LYS A 316 -12.70 10.75 15.79
C LYS A 316 -13.48 10.52 14.50
N GLY A 317 -14.79 10.68 14.57
CA GLY A 317 -15.67 10.64 13.39
C GLY A 317 -16.13 9.25 13.01
N VAL A 318 -15.76 8.26 13.83
CA VAL A 318 -16.08 6.87 13.58
C VAL A 318 -16.93 6.35 14.72
N SER A 319 -18.07 5.78 14.37
CA SER A 319 -18.90 5.06 15.31
C SER A 319 -18.64 3.57 15.09
N ASP A 320 -17.98 2.93 16.05
CA ASP A 320 -17.68 1.51 15.95
C ASP A 320 -18.94 0.65 15.96
N SER A 321 -20.01 1.06 16.64
CA SER A 321 -21.27 0.30 16.62
C SER A 321 -21.91 0.35 15.24
N GLU A 322 -21.89 1.51 14.61
CA GLU A 322 -22.42 1.64 13.25
C GLU A 322 -21.56 0.85 12.25
N GLU A 323 -20.25 0.88 12.42
CA GLU A 323 -19.36 0.13 11.54
C GLU A 323 -19.60 -1.37 11.69
N PHE A 324 -19.90 -1.80 12.92
CA PHE A 324 -20.22 -3.20 13.16
C PHE A 324 -21.43 -3.61 12.33
N LYS A 325 -22.44 -2.75 12.28
CA LYS A 325 -23.62 -3.04 11.47
C LYS A 325 -23.25 -3.12 9.97
N ILE A 326 -22.38 -2.25 9.49
CA ILE A 326 -21.91 -2.33 8.09
C ILE A 326 -21.14 -3.65 7.83
N THR A 327 -20.31 -4.05 8.79
CA THR A 327 -19.53 -5.29 8.67
C THR A 327 -20.44 -6.52 8.57
N ARG A 328 -21.40 -6.65 9.47
CA ARG A 328 -22.37 -7.74 9.42
C ARG A 328 -23.23 -7.77 8.15
N GLN A 329 -23.59 -6.59 7.64
CA GLN A 329 -24.39 -6.53 6.42
C GLN A 329 -23.57 -7.04 5.25
N ALA A 330 -22.28 -6.69 5.23
CA ALA A 330 -21.38 -7.17 4.20
C ALA A 330 -21.24 -8.68 4.28
N MET A 331 -21.09 -9.20 5.49
CA MET A 331 -21.00 -10.65 5.70
C MET A 331 -22.26 -11.35 5.18
N ASP A 332 -23.43 -10.76 5.40
CA ASP A 332 -24.69 -11.33 4.90
C ASP A 332 -24.68 -11.35 3.38
N ILE A 333 -24.32 -10.21 2.78
CA ILE A 333 -24.37 -10.09 1.32
C ILE A 333 -23.38 -11.07 0.68
N VAL A 334 -22.21 -11.19 1.29
CA VAL A 334 -21.18 -12.08 0.78
C VAL A 334 -21.61 -13.55 0.96
N GLY A 335 -22.37 -13.84 2.00
CA GLY A 335 -22.95 -15.17 2.17
C GLY A 335 -22.48 -15.94 3.39
N PHE A 336 -21.69 -15.33 4.26
CA PHE A 336 -21.38 -15.95 5.55
C PHE A 336 -22.67 -16.29 6.30
N SER A 337 -22.90 -17.57 6.54
CA SER A 337 -24.06 -18.01 7.32
C SER A 337 -24.05 -17.40 8.71
N GLN A 338 -25.21 -17.40 9.36
CA GLN A 338 -25.36 -16.88 10.71
C GLN A 338 -24.52 -17.70 11.71
N GLU A 339 -24.43 -18.99 11.45
CA GLU A 339 -23.58 -19.90 12.22
C GLU A 339 -22.12 -19.44 12.15
N GLU A 340 -21.65 -19.19 10.93
CA GLU A 340 -20.28 -18.80 10.68
C GLU A 340 -19.99 -17.46 11.30
N GLN A 341 -20.94 -16.54 11.21
CA GLN A 341 -20.76 -15.20 11.77
C GLN A 341 -20.59 -15.25 13.27
N MET A 342 -21.43 -16.05 13.92
CA MET A 342 -21.36 -16.20 15.37
C MET A 342 -20.02 -16.81 15.78
N SER A 343 -19.55 -17.78 15.00
CA SER A 343 -18.25 -18.42 15.23
C SER A 343 -17.11 -17.43 15.06
N ILE A 344 -17.22 -16.57 14.07
CA ILE A 344 -16.23 -15.53 13.85
C ILE A 344 -16.12 -14.65 15.10
N PHE A 345 -17.24 -14.20 15.63
CA PHE A 345 -17.20 -13.34 16.80
C PHE A 345 -16.88 -14.07 18.09
N LYS A 346 -17.13 -15.38 18.15
CA LYS A 346 -16.63 -16.19 19.25
C LYS A 346 -15.11 -16.16 19.25
N ILE A 347 -14.49 -16.26 18.08
CA ILE A 347 -13.03 -16.22 18.00
C ILE A 347 -12.49 -14.88 18.41
N ILE A 348 -13.16 -13.80 17.99
CA ILE A 348 -12.74 -12.46 18.37
C ILE A 348 -12.88 -12.30 19.89
N ALA A 349 -13.99 -12.77 20.44
CA ALA A 349 -14.21 -12.69 21.89
C ALA A 349 -13.18 -13.53 22.63
N GLY A 350 -12.94 -14.72 22.13
CA GLY A 350 -11.98 -15.63 22.74
C GLY A 350 -10.59 -15.06 22.80
N ILE A 351 -10.19 -14.36 21.73
CA ILE A 351 -8.89 -13.71 21.71
C ILE A 351 -8.80 -12.68 22.80
N LEU A 352 -9.86 -11.89 22.96
CA LEU A 352 -9.90 -10.91 24.03
C LEU A 352 -9.72 -11.55 25.41
N HIS A 353 -10.43 -12.65 25.65
CA HIS A 353 -10.31 -13.40 26.90
C HIS A 353 -8.91 -13.94 27.09
N LEU A 354 -8.34 -14.55 26.06
CA LEU A 354 -6.99 -15.12 26.15
C LEU A 354 -6.02 -14.04 26.60
N GLY A 355 -6.22 -12.82 26.11
CA GLY A 355 -5.39 -11.70 26.46
C GLY A 355 -5.46 -11.33 27.91
N ASN A 356 -6.55 -11.70 28.59
CA ASN A 356 -6.76 -11.37 29.99
C ASN A 356 -6.16 -12.39 30.97
N ILE A 357 -5.70 -13.52 30.43
CA ILE A 357 -5.04 -14.52 31.25
C ILE A 357 -3.79 -13.90 31.86
N LYS A 358 -3.67 -14.01 33.18
CA LYS A 358 -2.52 -13.45 33.89
C LYS A 358 -1.67 -14.60 34.47
N PHE A 359 -0.52 -14.87 33.85
CA PHE A 359 0.40 -15.84 34.40
C PHE A 359 1.20 -15.22 35.54
N GLU A 360 1.47 -16.02 36.56
CA GLU A 360 2.24 -15.59 37.71
C GLU A 360 3.25 -16.65 38.08
N LYS A 361 4.30 -16.24 38.78
CA LYS A 361 5.37 -17.15 39.16
C LYS A 361 4.79 -18.15 40.15
N GLY A 362 5.21 -19.40 40.05
CA GLY A 362 4.76 -20.44 40.97
C GLY A 362 5.80 -20.64 42.07
N ALA A 363 5.70 -21.76 42.80
CA ALA A 363 6.72 -22.10 43.79
C ALA A 363 8.11 -22.02 43.14
N GLY A 364 8.28 -22.69 42.01
CA GLY A 364 9.52 -22.63 41.24
C GLY A 364 9.54 -21.53 40.18
N GLU A 365 10.33 -21.77 39.14
CA GLU A 365 10.45 -20.86 38.01
C GLU A 365 9.24 -20.93 37.09
N GLY A 366 8.52 -22.05 37.13
CA GLY A 366 7.41 -22.32 36.25
C GLY A 366 6.19 -21.48 36.58
N ALA A 367 5.48 -21.06 35.54
CA ALA A 367 4.29 -20.23 35.71
C ALA A 367 3.12 -21.05 36.22
N VAL A 368 2.22 -20.36 36.91
CA VAL A 368 0.94 -20.92 37.29
C VAL A 368 -0.15 -19.95 36.91
N LEU A 369 -1.38 -20.44 36.87
CA LEU A 369 -2.53 -19.59 36.64
C LEU A 369 -3.44 -19.70 37.86
N LYS A 370 -3.44 -18.65 38.68
CA LYS A 370 -4.19 -18.65 39.95
C LYS A 370 -5.67 -18.40 39.70
N ASP A 371 -5.96 -17.38 38.90
CA ASP A 371 -7.32 -17.06 38.49
C ASP A 371 -7.53 -17.57 37.08
N LYS A 372 -8.58 -18.36 36.88
CA LYS A 372 -8.82 -19.05 35.64
C LYS A 372 -10.07 -18.51 34.92
N THR A 373 -10.60 -17.38 35.37
CA THR A 373 -11.81 -16.78 34.76
C THR A 373 -11.64 -16.57 33.27
N ALA A 374 -10.54 -15.90 32.89
CA ALA A 374 -10.28 -15.57 31.49
C ALA A 374 -10.03 -16.84 30.68
N LEU A 375 -9.23 -17.75 31.24
CA LEU A 375 -8.99 -19.04 30.62
C LEU A 375 -10.30 -19.78 30.35
N ASN A 376 -11.21 -19.76 31.33
CA ASN A 376 -12.49 -20.46 31.24
C ASN A 376 -13.44 -19.81 30.23
N ALA A 377 -13.49 -18.48 30.19
CA ALA A 377 -14.34 -17.80 29.21
C ALA A 377 -13.84 -18.05 27.79
N ALA A 378 -12.53 -17.91 27.58
CA ALA A 378 -11.91 -18.26 26.30
C ALA A 378 -12.26 -19.69 25.89
N SER A 379 -12.06 -20.63 26.80
CA SER A 379 -12.24 -22.03 26.47
C SER A 379 -13.68 -22.30 26.10
N THR A 380 -14.58 -21.66 26.83
CA THR A 380 -16.02 -21.76 26.57
C THR A 380 -16.35 -21.28 25.15
N VAL A 381 -15.91 -20.08 24.80
CA VAL A 381 -16.27 -19.52 23.50
C VAL A 381 -15.63 -20.24 22.31
N PHE A 382 -14.39 -20.73 22.49
CA PHE A 382 -13.68 -21.46 21.44
C PHE A 382 -14.17 -22.91 21.31
N GLY A 383 -14.80 -23.41 22.36
CA GLY A 383 -15.20 -24.81 22.41
C GLY A 383 -14.05 -25.77 22.68
N VAL A 384 -13.10 -25.35 23.51
CA VAL A 384 -11.99 -26.22 23.86
C VAL A 384 -11.96 -26.54 25.35
N ASN A 385 -11.23 -27.59 25.69
CA ASN A 385 -11.06 -28.02 27.07
C ASN A 385 -10.08 -27.10 27.79
N PRO A 386 -10.52 -26.43 28.85
CA PRO A 386 -9.68 -25.47 29.60
C PRO A 386 -8.47 -26.09 30.28
N SER A 387 -8.61 -27.31 30.77
CA SER A 387 -7.49 -28.02 31.39
C SER A 387 -6.41 -28.34 30.36
N VAL A 388 -6.85 -28.80 29.20
CA VAL A 388 -5.94 -29.04 28.08
C VAL A 388 -5.25 -27.73 27.65
N LEU A 389 -6.01 -26.64 27.58
CA LEU A 389 -5.47 -25.35 27.16
C LEU A 389 -4.46 -24.84 28.17
N GLU A 390 -4.83 -24.89 29.45
CA GLU A 390 -3.93 -24.47 30.52
C GLU A 390 -2.59 -25.21 30.41
N LYS A 391 -2.64 -26.54 30.32
CA LYS A 391 -1.44 -27.36 30.22
C LYS A 391 -0.66 -27.05 28.93
N ALA A 392 -1.35 -26.77 27.83
CA ALA A 392 -0.68 -26.44 26.57
C ALA A 392 0.05 -25.09 26.60
N LEU A 393 -0.41 -24.17 27.45
CA LEU A 393 0.17 -22.84 27.54
C LEU A 393 1.40 -22.84 28.42
N MET A 394 1.30 -23.51 29.57
CA MET A 394 2.36 -23.45 30.59
C MET A 394 3.24 -24.68 30.64
N GLU A 395 2.71 -25.83 30.21
CA GLU A 395 3.47 -27.08 30.20
C GLU A 395 3.38 -27.77 28.85
N PRO A 396 3.76 -27.09 27.77
CA PRO A 396 3.73 -27.69 26.44
C PRO A 396 4.77 -28.80 26.35
N ARG A 397 4.44 -29.87 25.65
CA ARG A 397 5.35 -30.97 25.42
C ARG A 397 6.10 -30.76 24.11
N ILE A 398 7.39 -31.07 24.15
CA ILE A 398 8.22 -31.03 22.97
C ILE A 398 9.03 -32.32 22.90
N LEU A 399 9.67 -32.57 21.77
CA LEU A 399 10.70 -33.59 21.69
C LEU A 399 12.06 -33.04 22.11
N ALA A 400 12.81 -33.87 22.81
CA ALA A 400 14.21 -33.62 23.10
C ALA A 400 14.92 -34.86 22.56
N GLY A 401 15.46 -34.77 21.35
CA GLY A 401 15.80 -35.94 20.56
C GLY A 401 14.50 -36.58 20.12
N ARG A 402 14.21 -37.76 20.64
CA ARG A 402 12.93 -38.41 20.40
C ARG A 402 12.10 -38.54 21.67
N ASP A 403 12.70 -38.18 22.79
CA ASP A 403 12.02 -38.19 24.07
C ASP A 403 10.96 -37.07 24.09
N LEU A 404 9.89 -37.34 24.81
CA LEU A 404 8.79 -36.39 24.96
C LEU A 404 8.86 -35.79 26.35
N VAL A 405 9.12 -34.48 26.43
CA VAL A 405 9.43 -33.81 27.68
C VAL A 405 8.44 -32.66 27.89
N ALA A 406 7.77 -32.65 29.03
CA ALA A 406 6.91 -31.55 29.39
C ALA A 406 7.79 -30.41 29.82
N GLN A 407 7.65 -29.26 29.17
CA GLN A 407 8.30 -28.05 29.59
C GLN A 407 7.48 -27.49 30.74
N HIS A 408 8.05 -26.58 31.52
CA HIS A 408 7.24 -25.75 32.40
C HIS A 408 7.71 -24.33 32.17
N LEU A 409 6.92 -23.59 31.39
CA LEU A 409 7.30 -22.26 30.96
C LEU A 409 7.14 -21.29 32.12
N ASN A 410 8.10 -20.38 32.25
CA ASN A 410 7.99 -19.28 33.19
C ASN A 410 6.93 -18.28 32.70
N VAL A 411 6.81 -17.15 33.40
CA VAL A 411 5.72 -16.22 33.15
C VAL A 411 5.83 -15.60 31.78
N GLU A 412 7.02 -15.16 31.41
CA GLU A 412 7.23 -14.47 30.14
C GLU A 412 7.01 -15.42 28.96
N LYS A 413 7.47 -16.67 29.08
CA LYS A 413 7.30 -17.65 28.01
C LYS A 413 5.85 -18.09 27.90
N SER A 414 5.17 -18.19 29.03
CA SER A 414 3.75 -18.56 29.02
C SER A 414 2.98 -17.47 28.33
N SER A 415 3.29 -16.22 28.68
CA SER A 415 2.58 -15.08 28.12
C SER A 415 2.83 -14.97 26.60
N SER A 416 4.08 -15.22 26.18
CA SER A 416 4.41 -15.24 24.75
C SER A 416 3.71 -16.36 23.99
N SER A 417 3.62 -17.53 24.60
CA SER A 417 2.97 -18.67 23.96
C SER A 417 1.52 -18.35 23.79
N ARG A 418 0.92 -17.74 24.82
CA ARG A 418 -0.46 -17.31 24.77
C ARG A 418 -0.65 -16.29 23.65
N ASP A 419 0.29 -15.36 23.51
CA ASP A 419 0.25 -14.39 22.42
C ASP A 419 0.35 -15.08 21.07
N ALA A 420 1.21 -16.10 20.99
CA ALA A 420 1.41 -16.85 19.76
C ALA A 420 0.13 -17.52 19.33
N LEU A 421 -0.57 -18.09 20.30
CA LEU A 421 -1.87 -18.72 20.07
C LEU A 421 -2.82 -17.68 19.51
N VAL A 422 -2.84 -16.52 20.15
CA VAL A 422 -3.74 -15.42 19.74
C VAL A 422 -3.47 -14.98 18.30
N LYS A 423 -2.20 -14.76 17.98
CA LYS A 423 -1.81 -14.30 16.67
C LYS A 423 -2.11 -15.35 15.61
N ALA A 424 -1.94 -16.62 15.94
CA ALA A 424 -2.31 -17.72 15.03
C ALA A 424 -3.79 -17.75 14.79
N LEU A 425 -4.57 -17.57 15.86
CA LEU A 425 -6.01 -17.62 15.73
C LEU A 425 -6.43 -16.48 14.81
N TYR A 426 -5.87 -15.30 15.02
CA TYR A 426 -6.31 -14.12 14.30
C TYR A 426 -5.86 -14.20 12.84
N GLY A 427 -4.59 -14.54 12.63
CA GLY A 427 -4.03 -14.68 11.30
C GLY A 427 -4.76 -15.72 10.48
N ARG A 428 -5.06 -16.87 11.09
CA ARG A 428 -5.77 -17.94 10.38
C ARG A 428 -7.21 -17.57 10.07
N LEU A 429 -7.90 -16.95 11.02
CA LEU A 429 -9.23 -16.44 10.77
C LEU A 429 -9.21 -15.49 9.57
N PHE A 430 -8.24 -14.57 9.54
CA PHE A 430 -8.19 -13.62 8.44
C PHE A 430 -8.02 -14.35 7.11
N LEU A 431 -7.13 -15.33 7.06
CA LEU A 431 -6.91 -16.09 5.83
C LEU A 431 -8.19 -16.83 5.45
N TRP A 432 -8.90 -17.32 6.46
CA TRP A 432 -10.14 -18.04 6.25
C TRP A 432 -11.23 -17.12 5.67
N LEU A 433 -11.34 -15.91 6.20
CA LEU A 433 -12.28 -14.92 5.67
C LEU A 433 -12.01 -14.62 4.19
N VAL A 434 -10.74 -14.43 3.85
CA VAL A 434 -10.35 -14.14 2.48
C VAL A 434 -10.70 -15.31 1.56
N LYS A 435 -10.43 -16.53 2.04
CA LYS A 435 -10.69 -17.74 1.27
C LYS A 435 -12.18 -17.89 1.01
N LYS A 436 -12.97 -17.65 2.05
CA LYS A 436 -14.42 -17.73 1.92
C LYS A 436 -14.92 -16.71 0.89
N ILE A 437 -14.45 -15.47 1.02
CA ILE A 437 -14.80 -14.43 0.08
C ILE A 437 -14.42 -14.80 -1.36
N ASN A 438 -13.20 -15.29 -1.55
CA ASN A 438 -12.74 -15.70 -2.87
C ASN A 438 -13.61 -16.79 -3.49
N ASN A 439 -14.04 -17.76 -2.69
CA ASN A 439 -14.86 -18.86 -3.20
C ASN A 439 -16.20 -18.32 -3.70
N VAL A 440 -16.74 -17.33 -3.01
CA VAL A 440 -17.97 -16.68 -3.46
C VAL A 440 -17.77 -15.89 -4.77
N LEU A 441 -16.61 -15.23 -4.90
CA LEU A 441 -16.33 -14.41 -6.07
C LEU A 441 -15.73 -15.21 -7.23
N CYS A 442 -15.50 -16.51 -7.02
CA CYS A 442 -14.95 -17.40 -8.06
C CYS A 442 -16.05 -18.20 -8.74
N GLN A 443 -16.64 -17.65 -9.78
CA GLN A 443 -17.78 -18.27 -10.42
C GLN A 443 -17.53 -18.60 -11.89
N GLU A 444 -16.41 -18.13 -12.43
CA GLU A 444 -16.10 -18.28 -13.84
C GLU A 444 -14.60 -18.21 -14.04
N ARG A 445 -14.09 -19.04 -14.93
CA ARG A 445 -12.75 -18.86 -15.46
C ARG A 445 -12.70 -17.53 -16.21
N LYS A 446 -11.73 -16.69 -15.86
CA LYS A 446 -11.56 -15.38 -16.46
C LYS A 446 -10.99 -15.47 -17.86
N ALA A 447 -11.35 -14.51 -18.71
CA ALA A 447 -10.64 -14.28 -19.95
C ALA A 447 -9.51 -13.28 -19.71
N TYR A 448 -9.82 -12.27 -18.89
CA TYR A 448 -8.89 -11.19 -18.60
C TYR A 448 -9.01 -10.72 -17.15
N PHE A 449 -8.03 -9.96 -16.71
CA PHE A 449 -8.16 -9.30 -15.42
C PHE A 449 -7.49 -7.96 -15.39
N ILE A 450 -8.00 -7.11 -14.51
CA ILE A 450 -7.34 -5.89 -14.12
C ILE A 450 -7.02 -6.08 -12.65
N GLY A 451 -5.74 -6.06 -12.32
CA GLY A 451 -5.30 -6.30 -10.97
C GLY A 451 -5.02 -4.97 -10.30
N VAL A 452 -5.61 -4.76 -9.13
CA VAL A 452 -5.48 -3.48 -8.44
C VAL A 452 -4.68 -3.76 -7.18
N LEU A 453 -3.50 -3.13 -7.09
CA LEU A 453 -2.57 -3.37 -6.00
C LEU A 453 -2.63 -2.25 -4.98
N ASP A 454 -2.89 -2.63 -3.73
CA ASP A 454 -2.96 -1.74 -2.60
C ASP A 454 -2.08 -2.33 -1.48
N ILE A 455 -0.81 -1.96 -1.51
CA ILE A 455 0.13 -2.45 -0.50
C ILE A 455 0.01 -1.58 0.74
N GLU A 456 0.55 -2.04 1.84
CA GLU A 456 0.70 -1.19 3.02
C GLU A 456 1.73 -0.15 2.66
N GLY A 457 1.43 1.09 2.99
CA GLY A 457 2.24 2.20 2.63
C GLY A 457 3.45 2.32 3.50
N PHE A 458 4.49 2.87 2.90
CA PHE A 458 5.74 3.12 3.56
C PHE A 458 5.55 3.80 4.91
N GLU A 459 6.10 3.20 5.97
CA GLU A 459 5.91 3.77 7.29
C GLU A 459 7.16 3.80 8.15
N ILE A 460 7.24 4.86 8.94
CA ILE A 460 8.30 5.04 9.91
C ILE A 460 7.67 5.43 11.25
N PHE A 461 8.07 4.73 12.29
CA PHE A 461 7.66 5.04 13.64
C PHE A 461 8.89 5.20 14.52
N LYS A 462 8.65 5.56 15.77
CA LYS A 462 9.71 5.64 16.77
C LYS A 462 10.41 4.31 16.86
N VAL A 463 9.61 3.25 16.86
CA VAL A 463 10.12 1.90 16.87
C VAL A 463 9.65 1.16 15.61
N ASN A 464 10.61 0.73 14.83
CA ASN A 464 10.37 -0.01 13.61
C ASN A 464 10.92 -1.42 13.75
N SER A 465 10.06 -2.41 13.55
CA SER A 465 10.42 -3.80 13.72
C SER A 465 10.37 -4.52 12.38
N PHE A 466 10.39 -5.84 12.44
CA PHE A 466 10.38 -6.69 11.26
C PHE A 466 9.19 -6.39 10.34
N GLU A 467 8.04 -6.10 10.93
CA GLU A 467 6.84 -5.76 10.18
C GLU A 467 7.04 -4.53 9.30
N GLN A 468 7.73 -3.53 9.83
CA GLN A 468 8.01 -2.32 9.07
C GLN A 468 9.04 -2.61 7.96
N LEU A 469 10.03 -3.46 8.22
CA LEU A 469 10.97 -3.81 7.18
C LEU A 469 10.26 -4.49 6.01
N CYS A 470 9.39 -5.45 6.31
CA CYS A 470 8.61 -6.11 5.26
C CYS A 470 7.79 -5.11 4.44
N ILE A 471 7.06 -4.24 5.12
CA ILE A 471 6.25 -3.21 4.46
C ILE A 471 7.12 -2.31 3.59
N ASN A 472 8.22 -1.82 4.17
CA ASN A 472 9.04 -0.84 3.47
C ASN A 472 9.81 -1.48 2.30
N TYR A 473 10.15 -2.74 2.44
CA TYR A 473 10.77 -3.53 1.38
C TYR A 473 9.81 -3.62 0.19
N THR A 474 8.54 -3.87 0.48
CA THR A 474 7.52 -3.98 -0.55
C THR A 474 7.36 -2.65 -1.28
N ASN A 475 7.38 -1.55 -0.52
CA ASN A 475 7.25 -0.21 -1.09
C ASN A 475 8.45 0.08 -1.99
N GLU A 476 9.62 -0.35 -1.55
CA GLU A 476 10.85 -0.19 -2.33
C GLU A 476 10.74 -0.98 -3.65
N LYS A 477 10.28 -2.21 -3.56
CA LYS A 477 10.10 -3.07 -4.75
C LYS A 477 9.09 -2.46 -5.73
N LEU A 478 8.02 -1.87 -5.21
CA LEU A 478 7.03 -1.22 -6.05
C LEU A 478 7.57 0.03 -6.71
N GLN A 479 8.33 0.83 -5.98
CA GLN A 479 8.98 1.97 -6.57
C GLN A 479 9.95 1.52 -7.68
N GLN A 480 10.68 0.43 -7.44
CA GLN A 480 11.59 -0.07 -8.46
C GLN A 480 10.81 -0.55 -9.69
N PHE A 481 9.62 -1.09 -9.49
CA PHE A 481 8.76 -1.51 -10.59
C PHE A 481 8.36 -0.31 -11.44
N PHE A 482 8.04 0.80 -10.78
CA PHE A 482 7.81 2.07 -11.45
C PHE A 482 9.08 2.52 -12.20
N ASN A 483 10.22 2.51 -11.53
CA ASN A 483 11.48 2.90 -12.15
C ASN A 483 11.76 2.09 -13.41
N HIS A 484 11.49 0.79 -13.33
CA HIS A 484 11.85 -0.18 -14.35
C HIS A 484 10.99 0.07 -15.58
N HIS A 485 9.69 0.21 -15.39
CA HIS A 485 8.76 0.48 -16.46
C HIS A 485 8.82 1.87 -17.07
N MET A 486 9.03 2.89 -16.26
CA MET A 486 9.02 4.25 -16.74
C MET A 486 10.31 4.61 -17.42
N PHE A 487 11.41 4.10 -16.91
CA PHE A 487 12.73 4.56 -17.31
C PHE A 487 13.55 3.47 -17.95
N LYS A 488 13.75 2.33 -17.29
CA LYS A 488 14.73 1.36 -17.77
C LYS A 488 14.24 0.60 -19.01
N LEU A 489 13.04 0.05 -18.93
CA LEU A 489 12.46 -0.71 -20.05
C LEU A 489 12.22 0.21 -21.24
N GLU A 490 11.71 1.40 -20.95
CA GLU A 490 11.46 2.43 -21.94
C GLU A 490 12.71 2.72 -22.77
N GLN A 491 13.81 2.99 -22.07
CA GLN A 491 15.03 3.39 -22.73
C GLN A 491 15.71 2.21 -23.44
N GLU A 492 15.55 1.00 -22.90
CA GLU A 492 16.06 -0.21 -23.53
C GLU A 492 15.37 -0.49 -24.87
N GLU A 493 14.12 -0.05 -24.98
CA GLU A 493 13.34 -0.19 -26.21
C GLU A 493 13.78 0.82 -27.28
N TYR A 494 14.05 2.05 -26.84
CA TYR A 494 14.49 3.12 -27.74
C TYR A 494 15.82 2.78 -28.36
N LEU A 495 16.73 2.30 -27.51
CA LEU A 495 18.11 2.03 -27.91
C LEU A 495 18.19 0.76 -28.75
N LYS A 496 17.34 -0.21 -28.43
CA LYS A 496 17.23 -1.45 -29.20
C LYS A 496 16.68 -1.18 -30.60
N GLU A 497 15.81 -0.18 -30.70
CA GLU A 497 15.15 0.15 -31.97
C GLU A 497 15.87 1.28 -32.73
N LYS A 498 16.96 1.78 -32.18
CA LYS A 498 17.83 2.75 -32.84
C LYS A 498 17.06 3.94 -33.39
N ILE A 499 16.30 4.59 -32.52
CA ILE A 499 15.61 5.81 -32.94
C ILE A 499 16.47 7.05 -32.65
N ASN A 500 17.77 6.82 -32.52
CA ASN A 500 18.71 7.86 -32.11
C ASN A 500 18.30 8.44 -30.76
N TRP A 501 18.48 7.62 -29.74
CA TRP A 501 18.15 8.01 -28.37
C TRP A 501 19.42 8.14 -27.56
N THR A 502 19.58 9.30 -26.93
CA THR A 502 20.65 9.46 -25.96
C THR A 502 20.13 8.96 -24.60
N PHE A 503 20.81 7.98 -24.03
CA PHE A 503 20.44 7.44 -22.73
C PHE A 503 20.51 8.52 -21.66
N ILE A 504 19.48 8.63 -20.83
CA ILE A 504 19.50 9.52 -19.68
C ILE A 504 19.51 8.70 -18.40
N ASP A 505 20.43 9.03 -17.50
CA ASP A 505 20.43 8.51 -16.15
C ASP A 505 19.46 9.36 -15.34
N PHE A 506 18.28 8.80 -15.04
CA PHE A 506 17.27 9.53 -14.27
C PHE A 506 17.55 9.52 -12.76
N GLY A 507 18.52 8.72 -12.33
CA GLY A 507 19.01 8.78 -10.95
C GLY A 507 18.09 8.10 -9.95
N LEU A 508 17.17 7.30 -10.47
CA LEU A 508 16.22 6.57 -9.65
C LEU A 508 16.51 5.09 -9.76
N ASP A 509 17.10 4.54 -8.70
CA ASP A 509 17.38 3.11 -8.68
C ASP A 509 17.40 2.60 -7.26
N SER A 510 16.40 1.79 -6.93
CA SER A 510 16.23 1.23 -5.60
C SER A 510 16.85 -0.14 -5.46
N GLN A 511 17.61 -0.59 -6.46
CA GLN A 511 18.08 -1.97 -6.52
C GLN A 511 19.06 -2.31 -5.41
N ALA A 512 19.95 -1.39 -5.08
CA ALA A 512 20.91 -1.60 -4.00
C ALA A 512 20.21 -1.81 -2.66
N THR A 513 19.11 -1.09 -2.42
CA THR A 513 18.37 -1.25 -1.17
C THR A 513 17.64 -2.59 -1.22
N ILE A 514 17.02 -2.90 -2.34
CA ILE A 514 16.35 -4.17 -2.51
C ILE A 514 17.32 -5.31 -2.25
N ASP A 515 18.53 -5.23 -2.81
CA ASP A 515 19.52 -6.29 -2.69
C ASP A 515 20.02 -6.41 -1.26
N LEU A 516 20.18 -5.28 -0.61
CA LEU A 516 20.60 -5.29 0.79
C LEU A 516 19.60 -6.08 1.59
N ILE A 517 18.32 -5.95 1.27
CA ILE A 517 17.30 -6.65 2.01
C ILE A 517 17.17 -8.11 1.59
N ASP A 518 17.02 -8.36 0.30
CA ASP A 518 16.62 -9.68 -0.16
C ASP A 518 17.68 -10.46 -0.93
N GLY A 519 18.91 -9.99 -0.94
CA GLY A 519 19.98 -10.66 -1.67
C GLY A 519 20.25 -12.08 -1.15
N ARG A 520 20.62 -12.96 -2.06
CA ARG A 520 20.98 -14.35 -1.72
C ARG A 520 22.49 -14.53 -1.72
N GLN A 521 23.14 -14.03 -2.76
CA GLN A 521 24.58 -14.14 -2.90
C GLN A 521 25.10 -12.82 -3.43
N PRO A 522 25.78 -12.01 -2.63
CA PRO A 522 26.02 -12.25 -1.19
C PRO A 522 24.73 -12.14 -0.37
N PRO A 523 24.67 -12.75 0.80
CA PRO A 523 23.43 -12.77 1.60
C PRO A 523 23.04 -11.36 2.07
N GLY A 524 21.77 -11.00 1.87
CA GLY A 524 21.22 -9.76 2.38
C GLY A 524 20.65 -9.99 3.78
N ILE A 525 19.88 -9.03 4.25
CA ILE A 525 19.37 -9.02 5.61
C ILE A 525 18.49 -10.23 5.85
N LEU A 526 17.56 -10.47 4.95
CA LEU A 526 16.59 -11.54 5.11
C LEU A 526 17.26 -12.92 5.13
N ALA A 527 18.27 -13.11 4.30
CA ALA A 527 18.99 -14.37 4.25
C ALA A 527 19.77 -14.60 5.56
N LEU A 528 20.39 -13.56 6.08
CA LEU A 528 21.13 -13.68 7.33
C LEU A 528 20.16 -13.92 8.49
N LEU A 529 19.00 -13.29 8.43
CA LEU A 529 17.94 -13.54 9.39
C LEU A 529 17.49 -15.00 9.34
N ASP A 530 17.29 -15.54 8.15
CA ASP A 530 16.87 -16.94 8.01
C ASP A 530 17.91 -17.92 8.57
N GLU A 531 19.18 -17.67 8.24
CA GLU A 531 20.30 -18.49 8.71
C GLU A 531 20.39 -18.45 10.23
N GLN A 532 20.25 -17.28 10.82
CA GLN A 532 20.25 -17.16 12.28
C GLN A 532 19.03 -17.84 12.90
N SER A 533 17.91 -17.79 12.19
CA SER A 533 16.64 -18.35 12.65
C SER A 533 16.65 -19.87 12.85
N VAL A 534 17.50 -20.57 12.12
CA VAL A 534 17.65 -22.03 12.28
C VAL A 534 18.96 -22.42 12.94
N PHE A 535 19.74 -21.44 13.40
CA PHE A 535 20.98 -21.68 14.13
C PHE A 535 20.61 -21.79 15.62
N PRO A 536 20.77 -22.97 16.22
CA PRO A 536 20.28 -23.23 17.58
C PRO A 536 20.75 -22.27 18.68
N ASN A 537 21.92 -21.68 18.54
CA ASN A 537 22.46 -20.77 19.56
C ASN A 537 22.29 -19.28 19.23
N ALA A 538 21.45 -18.96 18.25
CA ALA A 538 21.27 -17.60 17.80
C ALA A 538 20.46 -16.80 18.80
N THR A 539 20.80 -15.53 18.95
CA THR A 539 20.00 -14.60 19.72
C THR A 539 19.82 -13.33 18.90
N ASP A 540 18.99 -12.43 19.37
CA ASP A 540 18.81 -11.16 18.68
C ASP A 540 20.17 -10.45 18.64
N ASN A 541 20.99 -10.64 19.66
CA ASN A 541 22.32 -10.03 19.70
C ASN A 541 23.30 -10.63 18.67
N THR A 542 23.29 -11.96 18.49
CA THR A 542 24.14 -12.55 17.46
C THR A 542 23.63 -12.17 16.08
N LEU A 543 22.32 -11.98 15.97
CA LEU A 543 21.73 -11.54 14.70
C LEU A 543 22.19 -10.14 14.35
N ILE A 544 22.07 -9.18 15.26
CA ILE A 544 22.47 -7.82 14.92
C ILE A 544 23.97 -7.74 14.64
N THR A 545 24.74 -8.50 15.39
CA THR A 545 26.19 -8.57 15.19
C THR A 545 26.49 -9.13 13.80
N LYS A 546 25.76 -10.15 13.40
CA LYS A 546 25.92 -10.72 12.06
C LYS A 546 25.62 -9.70 10.97
N LEU A 547 24.52 -8.95 11.13
CA LEU A 547 24.17 -7.91 10.17
C LEU A 547 25.27 -6.84 10.09
N HIS A 548 25.72 -6.36 11.22
CA HIS A 548 26.78 -5.35 11.23
C HIS A 548 28.04 -5.88 10.52
N SER A 549 28.39 -7.13 10.80
CA SER A 549 29.58 -7.75 10.24
C SER A 549 29.52 -7.83 8.72
N HIS A 550 28.36 -8.14 8.18
CA HIS A 550 28.19 -8.21 6.73
C HIS A 550 28.05 -6.86 6.05
N PHE A 551 27.46 -5.87 6.71
CA PHE A 551 27.05 -4.64 6.01
C PHE A 551 27.62 -3.34 6.50
N SER A 552 28.05 -3.29 7.75
CA SER A 552 28.55 -2.04 8.32
C SER A 552 29.83 -1.58 7.60
N LYS A 553 29.80 -0.37 7.09
CA LYS A 553 30.89 0.20 6.27
C LYS A 553 31.17 -0.61 5.00
N LYS A 554 30.24 -1.47 4.61
CA LYS A 554 30.40 -2.34 3.45
C LYS A 554 29.28 -2.11 2.42
N ASN A 555 28.07 -1.87 2.91
CA ASN A 555 26.94 -1.62 2.03
C ASN A 555 26.51 -0.18 2.24
N ALA A 556 26.49 0.57 1.16
CA ALA A 556 26.16 1.99 1.18
C ALA A 556 24.75 2.30 1.70
N LYS A 557 23.83 1.33 1.63
CA LYS A 557 22.45 1.53 2.10
C LYS A 557 22.22 1.09 3.56
N TYR A 558 23.27 0.65 4.24
CA TYR A 558 23.20 0.16 5.59
C TYR A 558 23.95 1.09 6.54
N GLU A 559 23.44 1.25 7.75
CA GLU A 559 24.14 1.98 8.79
C GLU A 559 24.10 1.20 10.10
N GLU A 560 25.26 1.02 10.70
CA GLU A 560 25.36 0.55 12.06
C GLU A 560 25.41 1.84 12.88
N PRO A 561 24.38 2.13 13.67
CA PRO A 561 24.36 3.41 14.37
C PRO A 561 25.36 3.37 15.51
N ARG A 562 25.86 4.53 15.90
CA ARG A 562 26.76 4.63 17.03
C ARG A 562 26.00 4.78 18.35
N PHE A 563 24.70 5.07 18.24
CA PHE A 563 23.90 5.41 19.40
C PHE A 563 23.10 4.23 19.94
N SER A 564 23.22 3.07 19.30
CA SER A 564 22.48 1.88 19.72
C SER A 564 23.21 0.62 19.31
N LYS A 565 23.10 -0.40 20.13
CA LYS A 565 23.63 -1.71 19.78
C LYS A 565 22.59 -2.67 19.24
N THR A 566 21.34 -2.24 19.17
CA THR A 566 20.25 -3.13 18.77
C THR A 566 19.46 -2.64 17.55
N GLU A 567 19.96 -1.61 16.87
CA GLU A 567 19.30 -1.05 15.69
C GLU A 567 20.20 -1.08 14.49
N PHE A 568 19.60 -1.14 13.30
CA PHE A 568 20.36 -0.95 12.07
C PHE A 568 19.53 -0.08 11.12
N GLY A 569 20.20 0.70 10.29
CA GLY A 569 19.50 1.62 9.41
C GLY A 569 19.54 1.12 7.99
N VAL A 570 18.40 1.21 7.31
CA VAL A 570 18.32 0.98 5.88
C VAL A 570 17.95 2.28 5.21
N THR A 571 18.66 2.63 4.15
CA THR A 571 18.34 3.83 3.41
C THR A 571 17.41 3.41 2.29
N HIS A 572 16.13 3.66 2.49
CA HIS A 572 15.10 3.39 1.51
C HIS A 572 14.94 4.61 0.62
N TYR A 573 14.28 4.42 -0.52
CA TYR A 573 13.94 5.50 -1.42
C TYR A 573 13.22 6.63 -0.68
N ALA A 574 12.33 6.25 0.25
CA ALA A 574 11.52 7.22 0.95
C ALA A 574 12.18 7.78 2.19
N GLY A 575 13.41 7.34 2.49
CA GLY A 575 14.15 7.84 3.62
C GLY A 575 14.78 6.73 4.44
N GLN A 576 15.71 7.11 5.31
CA GLN A 576 16.40 6.14 6.10
C GLN A 576 15.45 5.72 7.22
N VAL A 577 15.48 4.43 7.53
CA VAL A 577 14.70 3.86 8.60
C VAL A 577 15.60 3.08 9.53
N MET A 578 15.47 3.32 10.84
CA MET A 578 16.19 2.56 11.85
C MET A 578 15.28 1.43 12.35
N TYR A 579 15.77 0.21 12.24
CA TYR A 579 15.07 -0.99 12.67
C TYR A 579 15.67 -1.54 13.96
N GLU A 580 14.79 -1.83 14.91
CA GLU A 580 15.12 -2.46 16.19
C GLU A 580 14.98 -3.96 16.02
N ILE A 581 16.03 -4.69 16.41
CA ILE A 581 16.15 -6.11 16.15
C ILE A 581 15.42 -7.01 17.14
N GLN A 582 15.00 -6.41 18.26
CA GLN A 582 14.36 -7.18 19.31
C GLN A 582 13.26 -8.07 18.73
N ASP A 583 13.32 -9.36 19.08
CA ASP A 583 12.32 -10.39 18.74
C ASP A 583 12.31 -10.83 17.29
N TRP A 584 13.29 -10.43 16.49
CA TRP A 584 13.25 -10.76 15.06
C TRP A 584 13.36 -12.25 14.77
N LEU A 585 14.18 -12.96 15.55
CA LEU A 585 14.31 -14.39 15.35
C LEU A 585 12.98 -15.05 15.61
N GLU A 586 12.30 -14.65 16.67
CA GLU A 586 11.03 -15.28 17.01
C GLU A 586 9.96 -14.91 15.99
N LYS A 587 9.93 -13.66 15.55
CA LYS A 587 8.96 -13.21 14.55
C LYS A 587 9.16 -13.96 13.21
N ASN A 588 10.41 -14.23 12.87
CA ASN A 588 10.73 -14.94 11.64
C ASN A 588 10.38 -16.43 11.72
N LYS A 589 10.54 -17.02 12.88
CA LYS A 589 10.23 -18.42 13.10
C LYS A 589 8.72 -18.60 13.30
N ASP A 590 8.05 -17.56 13.81
CA ASP A 590 6.62 -17.59 14.07
C ASP A 590 6.16 -18.90 14.76
N PRO A 591 6.75 -19.21 15.91
CA PRO A 591 6.51 -20.51 16.56
C PRO A 591 5.13 -20.57 17.20
N LEU A 592 4.59 -21.77 17.26
CA LEU A 592 3.38 -22.10 18.00
C LEU A 592 3.54 -23.51 18.51
N GLN A 593 3.45 -23.65 19.82
CA GLN A 593 3.54 -24.95 20.46
C GLN A 593 2.48 -25.88 19.86
N GLN A 594 2.93 -27.07 19.48
CA GLN A 594 2.05 -28.07 18.92
C GLN A 594 0.91 -28.49 19.86
N ASP A 595 1.15 -28.45 21.16
CA ASP A 595 0.11 -28.81 22.12
C ASP A 595 -1.04 -27.83 22.02
N LEU A 596 -0.74 -26.58 21.69
CA LEU A 596 -1.79 -25.60 21.44
C LEU A 596 -2.62 -25.94 20.22
N GLU A 597 -1.98 -26.40 19.17
CA GLU A 597 -2.71 -26.80 17.97
C GLU A 597 -3.57 -28.03 18.26
N LEU A 598 -3.00 -28.99 19.01
CA LEU A 598 -3.73 -30.18 19.39
C LEU A 598 -4.98 -29.85 20.20
N CYS A 599 -4.85 -28.90 21.13
CA CYS A 599 -5.99 -28.45 21.92
C CYS A 599 -7.12 -27.92 21.01
N PHE A 600 -6.78 -27.05 20.07
CA PHE A 600 -7.79 -26.40 19.24
C PHE A 600 -8.32 -27.25 18.08
N LYS A 601 -7.54 -28.23 17.64
CA LYS A 601 -8.00 -29.20 16.64
C LYS A 601 -9.23 -29.94 17.16
N ASP A 602 -9.34 -30.05 18.49
CA ASP A 602 -10.46 -30.73 19.15
C ASP A 602 -11.61 -29.78 19.47
N SER A 603 -11.62 -28.61 18.85
CA SER A 603 -12.65 -27.61 19.12
C SER A 603 -14.02 -28.14 18.68
N SER A 604 -15.04 -27.87 19.48
CA SER A 604 -16.42 -28.11 19.07
C SER A 604 -16.94 -27.10 18.02
N ASP A 605 -16.19 -26.03 17.75
CA ASP A 605 -16.63 -25.01 16.79
C ASP A 605 -16.17 -25.33 15.37
N ASN A 606 -17.09 -25.22 14.41
CA ASN A 606 -16.83 -25.60 13.01
C ASN A 606 -15.83 -24.68 12.32
N VAL A 607 -15.78 -23.41 12.73
CA VAL A 607 -14.81 -22.49 12.15
C VAL A 607 -13.45 -22.75 12.78
N VAL A 608 -13.40 -22.86 14.11
CA VAL A 608 -12.14 -23.07 14.79
C VAL A 608 -11.44 -24.33 14.28
N THR A 609 -12.23 -25.39 14.09
CA THR A 609 -11.72 -26.67 13.63
C THR A 609 -11.12 -26.57 12.23
N LYS A 610 -11.72 -25.77 11.37
CA LYS A 610 -11.15 -25.50 10.05
C LYS A 610 -9.82 -24.76 10.17
N LEU A 611 -9.74 -23.79 11.08
CA LEU A 611 -8.51 -23.02 11.24
C LEU A 611 -7.34 -23.88 11.67
N PHE A 612 -7.61 -25.01 12.30
CA PHE A 612 -6.55 -25.90 12.78
C PHE A 612 -6.37 -27.22 12.01
N ASN A 613 -7.32 -27.55 11.12
CA ASN A 613 -7.32 -28.82 10.36
C ASN A 613 -7.16 -28.65 8.83
N ASP A 614 -7.67 -27.56 8.28
CA ASP A 614 -7.48 -27.19 6.85
C ASP A 614 -5.99 -26.95 6.59
N PRO A 615 -5.33 -27.83 5.85
CA PRO A 615 -3.90 -27.68 5.58
C PRO A 615 -3.53 -26.32 4.94
N ASN A 616 -4.40 -25.78 4.10
CA ASN A 616 -4.16 -24.48 3.48
C ASN A 616 -4.11 -23.35 4.49
N ILE A 617 -4.85 -23.49 5.58
CA ILE A 617 -4.78 -22.50 6.66
C ILE A 617 -3.79 -22.84 7.77
N ALA A 618 -3.72 -24.11 8.16
CA ALA A 618 -3.04 -24.53 9.39
C ALA A 618 -1.64 -25.08 9.15
N SER A 619 -1.43 -25.66 7.98
CA SER A 619 -0.17 -26.32 7.69
C SER A 619 0.86 -25.29 7.31
N ARG A 620 2.10 -25.60 7.61
CA ARG A 620 3.19 -24.74 7.23
C ARG A 620 4.14 -25.47 6.31
N ALA A 621 4.56 -24.79 5.25
CA ALA A 621 5.47 -25.39 4.27
C ALA A 621 6.84 -25.64 4.90
N LYS A 622 7.50 -26.73 4.49
CA LYS A 622 8.81 -27.10 5.01
C LYS A 622 9.91 -26.77 3.99
N LYS A 623 11.03 -26.27 4.50
CA LYS A 623 12.29 -26.16 3.75
C LYS A 623 13.31 -27.06 4.43
N GLY A 624 13.44 -28.29 3.93
CA GLY A 624 14.25 -29.30 4.57
C GLY A 624 13.75 -29.61 5.97
N ALA A 625 14.68 -29.64 6.93
CA ALA A 625 14.37 -30.02 8.31
C ALA A 625 13.63 -28.93 9.11
N ASN A 626 13.46 -27.73 8.54
CA ASN A 626 12.72 -26.64 9.20
C ASN A 626 11.50 -26.18 8.42
N PHE A 627 10.60 -25.49 9.11
CA PHE A 627 9.51 -24.78 8.45
C PHE A 627 10.07 -23.57 7.73
N ILE A 628 9.48 -23.22 6.61
CA ILE A 628 9.82 -21.98 5.92
C ILE A 628 9.60 -20.78 6.85
N THR A 629 10.52 -19.83 6.80
CA THR A 629 10.45 -18.66 7.65
C THR A 629 9.46 -17.68 7.09
N VAL A 630 9.01 -16.76 7.93
CA VAL A 630 8.12 -15.70 7.54
C VAL A 630 8.80 -14.90 6.43
N ALA A 631 10.10 -14.62 6.57
CA ALA A 631 10.82 -13.81 5.59
C ALA A 631 10.87 -14.49 4.21
N ALA A 632 11.09 -15.79 4.20
CA ALA A 632 11.27 -16.52 2.94
C ALA A 632 9.93 -16.61 2.26
N GLN A 633 8.89 -16.81 3.04
CA GLN A 633 7.55 -16.83 2.51
C GLN A 633 7.15 -15.48 1.94
N TYR A 634 7.42 -14.42 2.71
N TYR A 634 7.39 -14.38 2.64
CA TYR A 634 7.15 -13.05 2.32
CA TYR A 634 6.97 -13.12 2.06
C TYR A 634 7.82 -12.74 0.97
C TYR A 634 7.83 -12.70 0.89
N LYS A 635 9.12 -13.02 0.91
CA LYS A 635 9.94 -12.77 -0.25
C LYS A 635 9.36 -13.47 -1.50
N GLU A 636 8.93 -14.71 -1.31
CA GLU A 636 8.35 -15.53 -2.37
C GLU A 636 6.99 -15.06 -2.85
N GLN A 637 6.12 -14.66 -1.94
CA GLN A 637 4.81 -14.13 -2.34
C GLN A 637 4.97 -12.83 -3.12
N LEU A 638 5.92 -12.01 -2.68
CA LEU A 638 6.19 -10.74 -3.33
C LEU A 638 6.82 -10.98 -4.72
N ALA A 639 7.71 -11.96 -4.84
CA ALA A 639 8.33 -12.28 -6.12
C ALA A 639 7.26 -12.76 -7.09
N SER A 640 6.31 -13.53 -6.59
CA SER A 640 5.22 -14.06 -7.38
C SER A 640 4.29 -12.93 -7.86
N LEU A 641 4.11 -11.91 -7.03
CA LEU A 641 3.27 -10.77 -7.35
C LEU A 641 3.93 -10.00 -8.46
N MET A 642 5.20 -9.73 -8.27
CA MET A 642 5.98 -8.99 -9.25
C MET A 642 6.01 -9.72 -10.62
N ALA A 643 6.10 -11.04 -10.60
CA ALA A 643 6.02 -11.82 -11.85
C ALA A 643 4.65 -11.69 -12.53
N THR A 644 3.58 -11.73 -11.75
CA THR A 644 2.25 -11.47 -12.27
C THR A 644 2.16 -10.06 -12.88
N LEU A 645 2.70 -9.08 -12.18
CA LEU A 645 2.62 -7.71 -12.65
C LEU A 645 3.36 -7.55 -13.97
N GLU A 646 4.43 -8.31 -14.14
CA GLU A 646 5.22 -8.19 -15.35
C GLU A 646 4.46 -8.69 -16.58
N THR A 647 3.43 -9.50 -16.37
CA THR A 647 2.55 -9.97 -17.44
C THR A 647 1.37 -9.04 -17.73
N THR A 648 1.28 -7.93 -17.00
CA THR A 648 0.25 -6.94 -17.26
C THR A 648 0.81 -5.68 -17.83
N ASN A 649 -0.10 -4.87 -18.37
CA ASN A 649 0.15 -3.51 -18.73
C ASN A 649 -0.20 -2.67 -17.50
N PRO A 650 0.81 -2.06 -16.87
CA PRO A 650 0.60 -1.34 -15.62
C PRO A 650 0.20 0.13 -15.81
N HIS A 651 -0.63 0.61 -14.90
CA HIS A 651 -1.02 2.00 -14.80
C HIS A 651 -0.75 2.43 -13.36
N PHE A 652 -0.09 3.55 -13.20
CA PHE A 652 0.38 4.01 -11.91
C PHE A 652 -0.44 5.17 -11.43
N VAL A 653 -0.82 5.10 -10.16
CA VAL A 653 -1.41 6.18 -9.42
C VAL A 653 -0.48 6.45 -8.22
N ARG A 654 0.01 7.69 -8.13
CA ARG A 654 0.91 8.06 -7.06
C ARG A 654 0.12 8.86 -6.05
N CYS A 655 -0.25 8.23 -4.95
CA CYS A 655 -0.94 8.95 -3.90
C CYS A 655 0.09 9.70 -3.09
N ILE A 656 -0.27 10.94 -2.75
CA ILE A 656 0.61 11.86 -2.05
C ILE A 656 -0.15 12.35 -0.82
N ILE A 657 0.48 12.26 0.34
CA ILE A 657 -0.12 12.76 1.56
C ILE A 657 0.29 14.24 1.68
N PRO A 658 -0.65 15.12 2.00
CA PRO A 658 -0.40 16.57 2.09
C PRO A 658 0.38 17.01 3.34
N ASN A 659 0.25 16.24 4.41
CA ASN A 659 0.87 16.56 5.68
C ASN A 659 0.89 15.30 6.53
N ASN A 660 1.41 15.39 7.74
CA ASN A 660 1.53 14.22 8.60
C ASN A 660 0.58 14.34 9.79
N LYS A 661 -0.46 15.18 9.64
CA LYS A 661 -1.45 15.40 10.69
C LYS A 661 -2.87 14.94 10.30
N GLN A 662 -3.01 14.32 9.13
CA GLN A 662 -4.32 13.89 8.63
C GLN A 662 -5.35 15.03 8.59
N LEU A 663 -4.87 16.22 8.21
CA LEU A 663 -5.70 17.42 8.15
C LEU A 663 -5.97 17.83 6.70
N PRO A 664 -7.18 18.31 6.43
CA PRO A 664 -7.51 18.90 5.12
C PRO A 664 -6.97 20.32 5.01
N ALA A 665 -6.85 20.84 3.80
CA ALA A 665 -6.54 22.26 3.56
C ALA A 665 -5.21 22.67 4.20
N LYS A 666 -4.22 21.78 4.09
CA LYS A 666 -2.95 21.99 4.73
C LYS A 666 -1.83 21.26 3.99
N LEU A 667 -1.50 21.74 2.81
CA LEU A 667 -0.36 21.25 2.09
C LEU A 667 0.85 21.71 2.85
N GLU A 668 1.75 20.78 3.14
CA GLU A 668 3.02 21.11 3.78
C GLU A 668 4.07 20.79 2.76
N ASP A 669 4.77 21.83 2.33
CA ASP A 669 5.57 21.72 1.13
C ASP A 669 6.71 20.72 1.29
N LYS A 670 7.30 20.63 2.47
CA LYS A 670 8.40 19.69 2.65
C LYS A 670 7.87 18.26 2.61
N VAL A 671 6.71 18.04 3.20
CA VAL A 671 6.11 16.70 3.17
C VAL A 671 5.81 16.30 1.72
N VAL A 672 5.28 17.22 0.94
CA VAL A 672 4.83 16.89 -0.41
C VAL A 672 6.04 16.75 -1.33
N LEU A 673 6.98 17.68 -1.23
CA LEU A 673 8.17 17.67 -2.08
C LEU A 673 9.06 16.45 -1.87
N ASP A 674 9.16 15.97 -0.64
CA ASP A 674 9.88 14.72 -0.36
C ASP A 674 9.26 13.56 -1.14
N GLN A 675 7.93 13.50 -1.15
CA GLN A 675 7.23 12.45 -1.88
C GLN A 675 7.41 12.61 -3.40
N LEU A 676 7.30 13.84 -3.90
CA LEU A 676 7.44 14.06 -5.34
C LEU A 676 8.82 13.63 -5.79
N ARG A 677 9.82 13.92 -4.96
CA ARG A 677 11.19 13.53 -5.25
C ARG A 677 11.37 12.02 -5.24
N CYS A 678 11.05 11.38 -4.14
CA CYS A 678 11.38 9.96 -4.02
C CYS A 678 10.46 9.09 -4.92
N ASN A 679 9.29 9.61 -5.27
CA ASN A 679 8.42 8.91 -6.21
C ASN A 679 8.92 8.97 -7.66
N GLY A 680 9.80 9.90 -7.98
CA GLY A 680 10.25 10.08 -9.34
C GLY A 680 9.21 10.74 -10.24
N VAL A 681 8.39 11.63 -9.66
CA VAL A 681 7.33 12.30 -10.42
C VAL A 681 7.89 13.19 -11.54
N LEU A 682 8.85 14.04 -11.21
CA LEU A 682 9.38 14.96 -12.19
C LEU A 682 10.10 14.19 -13.28
N GLU A 683 10.86 13.18 -12.87
CA GLU A 683 11.59 12.33 -13.80
C GLU A 683 10.62 11.62 -14.73
N GLY A 684 9.50 11.19 -14.16
CA GLY A 684 8.44 10.55 -14.91
C GLY A 684 7.78 11.50 -15.91
N ILE A 685 7.64 12.77 -15.55
CA ILE A 685 7.12 13.76 -16.48
C ILE A 685 8.15 13.98 -17.60
N ARG A 686 9.42 14.02 -17.23
CA ARG A 686 10.50 14.27 -18.19
C ARG A 686 10.59 13.17 -19.22
N ILE A 687 10.51 11.90 -18.80
CA ILE A 687 10.57 10.80 -19.77
C ILE A 687 9.39 10.86 -20.73
N THR A 688 8.24 11.28 -20.23
CA THR A 688 7.02 11.34 -21.03
C THR A 688 7.10 12.44 -22.09
N ARG A 689 7.80 13.53 -21.77
CA ARG A 689 7.95 14.65 -22.69
C ARG A 689 9.03 14.42 -23.73
N LYS A 690 10.16 13.87 -23.29
CA LYS A 690 11.37 13.76 -24.10
C LYS A 690 11.39 12.48 -24.92
N GLY A 691 10.49 11.55 -24.62
CA GLY A 691 10.49 10.22 -25.19
C GLY A 691 9.42 9.99 -26.24
N PHE A 692 9.11 8.72 -26.48
CA PHE A 692 8.23 8.28 -27.55
C PHE A 692 7.31 7.16 -27.04
N PRO A 693 6.23 7.55 -26.37
CA PRO A 693 5.34 6.60 -25.67
C PRO A 693 4.81 5.39 -26.47
N ASN A 694 4.38 5.58 -27.72
CA ASN A 694 3.70 4.51 -28.45
C ASN A 694 4.42 4.07 -29.70
N ARG A 695 4.45 2.76 -29.94
CA ARG A 695 5.10 2.21 -31.12
C ARG A 695 4.42 0.92 -31.62
N ILE A 696 4.24 0.85 -32.93
CA ILE A 696 3.61 -0.27 -33.61
C ILE A 696 4.54 -0.81 -34.68
N ILE A 697 4.68 -2.13 -34.76
CA ILE A 697 5.43 -2.77 -35.84
C ILE A 697 4.91 -2.20 -37.17
N TYR A 698 5.80 -1.89 -38.09
CA TYR A 698 5.43 -1.23 -39.35
C TYR A 698 4.31 -1.97 -40.09
N ALA A 699 4.46 -3.29 -40.22
CA ALA A 699 3.48 -4.12 -40.94
C ALA A 699 2.10 -4.06 -40.30
N ASP A 700 2.05 -4.10 -38.96
CA ASP A 700 0.79 -4.01 -38.22
C ASP A 700 0.19 -2.59 -38.26
N PHE A 701 1.03 -1.58 -38.49
CA PHE A 701 0.58 -0.20 -38.66
C PHE A 701 -0.04 0.01 -40.04
N VAL A 702 0.52 -0.61 -41.07
CA VAL A 702 0.01 -0.45 -42.43
C VAL A 702 -1.35 -1.12 -42.58
N LYS A 703 -1.49 -2.30 -41.97
CA LYS A 703 -2.73 -3.09 -42.06
C LYS A 703 -3.91 -2.42 -41.36
N ARG A 704 -3.63 -1.57 -40.37
CA ARG A 704 -4.67 -0.82 -39.64
C ARG A 704 -4.88 0.59 -40.21
N TYR A 705 -3.89 1.10 -40.95
CA TYR A 705 -3.95 2.45 -41.53
C TYR A 705 -3.43 2.46 -42.96
N ASP A 715 -1.25 -4.39 -47.19
CA ASP A 715 -0.03 -5.17 -47.22
C ASP A 715 1.00 -4.56 -48.18
N ALA A 716 2.26 -4.51 -47.76
CA ALA A 716 3.35 -4.03 -48.61
C ALA A 716 4.69 -4.65 -48.23
N GLU A 717 5.56 -4.82 -49.22
CA GLU A 717 6.89 -5.39 -49.00
C GLU A 717 7.83 -4.37 -48.33
N ASP A 718 7.71 -3.11 -48.75
CA ASP A 718 8.40 -2.00 -48.10
C ASP A 718 7.45 -1.32 -47.10
N SER A 719 7.29 -1.95 -45.94
CA SER A 719 6.32 -1.50 -44.92
C SER A 719 6.61 -0.11 -44.35
N GLN A 720 7.90 0.28 -44.33
CA GLN A 720 8.29 1.61 -43.86
C GLN A 720 7.82 2.75 -44.76
N LYS A 721 7.88 2.54 -46.08
CA LYS A 721 7.48 3.55 -47.06
C LYS A 721 5.98 3.84 -46.95
N ALA A 722 5.20 2.77 -46.79
CA ALA A 722 3.76 2.90 -46.58
C ALA A 722 3.45 3.69 -45.32
N THR A 723 4.27 3.51 -44.28
CA THR A 723 4.10 4.21 -43.01
C THR A 723 4.38 5.71 -43.15
N ASP A 724 5.40 6.07 -43.92
CA ASP A 724 5.76 7.49 -44.13
C ASP A 724 4.73 8.22 -44.98
N ALA A 725 4.21 7.53 -46.00
CA ALA A 725 3.18 8.09 -46.87
C ALA A 725 1.94 8.49 -46.07
N VAL A 726 1.48 7.59 -45.21
CA VAL A 726 0.30 7.82 -44.37
C VAL A 726 0.51 9.05 -43.48
N LEU A 727 1.73 9.23 -42.99
CA LEU A 727 2.10 10.41 -42.20
C LEU A 727 2.32 11.60 -43.12
N ASP A 733 3.65 16.24 -39.04
CA ASP A 733 4.84 16.86 -38.46
C ASP A 733 5.91 15.81 -38.16
N PRO A 734 7.06 15.89 -38.84
CA PRO A 734 8.19 14.96 -38.61
C PRO A 734 8.71 14.85 -37.16
N GLU A 735 8.53 15.88 -36.35
CA GLU A 735 9.07 15.88 -34.98
C GLU A 735 8.37 14.88 -34.07
N GLN A 736 7.05 14.76 -34.22
CA GLN A 736 6.24 13.91 -33.36
C GLN A 736 6.32 12.41 -33.72
N TYR A 737 7.32 12.02 -34.54
CA TYR A 737 7.61 10.60 -34.76
C TYR A 737 9.08 10.33 -35.10
N ARG A 738 9.45 9.05 -35.07
CA ARG A 738 10.80 8.60 -35.45
C ARG A 738 10.80 7.13 -35.88
N PHE A 739 11.53 6.81 -36.95
CA PHE A 739 11.54 5.46 -37.52
C PHE A 739 12.57 4.56 -36.84
N GLY A 740 12.08 3.47 -36.24
CA GLY A 740 12.91 2.45 -35.64
C GLY A 740 13.12 1.29 -36.60
N ILE A 741 13.88 0.28 -36.16
CA ILE A 741 14.29 -0.79 -37.08
C ILE A 741 13.17 -1.82 -37.34
N THR A 742 12.23 -1.96 -36.41
CA THR A 742 11.02 -2.77 -36.64
C THR A 742 9.71 -2.04 -36.32
N LYS A 743 9.79 -0.82 -35.78
CA LYS A 743 8.59 -0.09 -35.33
C LYS A 743 8.65 1.38 -35.67
N ILE A 744 7.49 1.98 -35.90
CA ILE A 744 7.33 3.42 -35.91
C ILE A 744 7.01 3.89 -34.48
N PHE A 745 7.57 5.04 -34.09
CA PHE A 745 7.46 5.58 -32.72
C PHE A 745 6.76 6.94 -32.78
N PHE A 746 5.75 7.14 -31.92
CA PHE A 746 5.00 8.40 -31.87
C PHE A 746 5.15 9.10 -30.53
N ARG A 747 4.82 10.39 -30.52
CA ARG A 747 4.80 11.20 -29.30
C ARG A 747 3.35 11.44 -28.89
#